data_7WGT
#
_entry.id   7WGT
#
_cell.length_a   98.007
_cell.length_b   135.025
_cell.length_c   162.559
_cell.angle_alpha   90.000
_cell.angle_beta   90.000
_cell.angle_gamma   90.000
#
_symmetry.space_group_name_H-M   'P 21 21 21'
#
loop_
_entity.id
_entity.type
_entity.pdbx_description
1 polymer 'Sodium-dependent dopamine transporter'
2 polymer 'Antibody fragment (9D5) light chain'
3 polymer 'Antibody fragment (9D5) heavy chain'
4 non-polymer '1-(2-{[(diphenylmethylidene)amino]oxy}ethyl)-1,2,5,6-tetrahydropyridine-3-carboxylic acid'
5 non-polymer CHOLESTEROL
6 non-polymer 'SODIUM ION'
7 non-polymer 'CHLORIDE ION'
8 non-polymer 'CHOLESTEROL HEMISUCCINATE'
9 water water
#
loop_
_entity_poly.entity_id
_entity_poly.type
_entity_poly.pdbx_seq_one_letter_code
_entity_poly.pdbx_strand_id
1 'polypeptide(L)'
;DERETWSGKVDFLLSVIGYAVGLANVWRFPYLCYKNGGGAFLVPYGIMLAVGGIPLFYMELALGQHNRKGAITCWGRLVP
LFKGIGYAVVLISFYLNFYYNVIIAWSLRFFFASFTNSLPWTSCNNIWNTPNCRPFEGHVEGFQSAASEYFNRYILELNR
SEGIHDLGAIKWDMALCLLIVYLICYFSLWKGISTSGKVVWFTALFPYAALLILLIRGLTLPGSFLGIQYYLTPNFSAIY
KAEVWADAATQVFFSLGPGLGSLLAYASYNKYHNNVYKDALLTSFINSATSFIAGFVIFSVLGYMAHTLGVRIEDVATSG
PGLVFVVYPAAIATMPASTFWALIFFMMLATLGLDSQFGTVEAIITALSDEFPKIKRNRELFVAGLFSLYFVVGLASCTQ
GGFYFFHLLDRYAAGYSILVAVFFEAIAVSWIYGTNRFSEDIRDMIGFPPGRYWQVCWRFVAPIFLLFITVYLLIGYEPL
TYADYVYPSWANALGWCIAGSSVVMIPAVAIFKLLSTPGSLRQRFTILTTPWRDQQ
;
A
2 'polypeptide(L)'
;ENVLTQSPAIMSTSPGEKVTMTCRASSSVGSSYLHWYQQKSGASPKLWIYSTSNLASGVPARFSGSGSGTSYSLTISSVE
AEDAATYYCQQFSGYPLTFGSGTKLEMKRADAAPTVSIFPPSSEQLTSGGASVVCFLNNFYPKDINVKWKIDGSERQNGV
LNSWTDQDSKDSTYSMSSTLTLTKDEYERHNSYTCEATHKTSTSPIVKSFNRNE
;
L
3 'polypeptide(L)'
;EVQLVESGGGLVKPGGSLKLSCAASGFTFSSYAMSWVRQSPEKRLEWVAEISSGGRYIYYSDTVTGRFTISRDNARNILH
LEMSSLRSEDTAMYYCARGEVRQRGFDYWGQGTTLTVSSAKTTAPSVYPLAPVCGDTTGSSVTLGCLVKGYFPEPVTLTW
NSGSLSSGVHTFPAVLQSDLYTLSSSVTVTSSTWPSQSITCNVAHPASSTKVDKKIEPR
;
H
#
# COMPACT_ATOMS: atom_id res chain seq x y z
N ASP A 1 -12.83 16.52 10.10
CA ASP A 1 -13.99 15.67 9.86
C ASP A 1 -13.75 14.26 10.38
N GLU A 2 -14.44 13.89 11.46
CA GLU A 2 -14.34 12.58 12.05
C GLU A 2 -15.67 11.84 11.86
N ARG A 3 -15.62 10.73 11.14
CA ARG A 3 -16.82 10.00 10.72
C ARG A 3 -16.84 8.61 11.33
N GLU A 4 -18.04 8.03 11.37
CA GLU A 4 -18.21 6.67 11.86
C GLU A 4 -17.27 5.71 11.13
N THR A 5 -16.93 4.62 11.81
CA THR A 5 -16.10 3.58 11.22
C THR A 5 -16.79 2.23 11.41
N TRP A 6 -16.32 1.23 10.67
CA TRP A 6 -16.91 -0.10 10.72
C TRP A 6 -16.62 -0.74 12.08
N SER A 7 -17.68 -1.09 12.81
CA SER A 7 -17.54 -1.72 14.12
C SER A 7 -17.08 -3.17 13.97
N GLY A 8 -15.97 -3.37 13.27
CA GLY A 8 -15.52 -4.69 12.86
C GLY A 8 -15.29 -4.68 11.36
N LYS A 9 -14.29 -5.44 10.92
CA LYS A 9 -13.87 -5.36 9.53
C LYS A 9 -14.76 -6.19 8.60
N VAL A 10 -15.09 -7.42 8.99
CA VAL A 10 -15.95 -8.24 8.15
C VAL A 10 -17.31 -7.60 7.95
N ASP A 11 -17.72 -6.72 8.87
CA ASP A 11 -18.91 -5.90 8.64
C ASP A 11 -18.83 -5.21 7.28
N PHE A 12 -17.67 -4.60 6.99
CA PHE A 12 -17.47 -3.97 5.69
C PHE A 12 -17.42 -5.01 4.58
N LEU A 13 -16.69 -6.10 4.80
CA LEU A 13 -16.56 -7.12 3.75
C LEU A 13 -17.91 -7.71 3.40
N LEU A 14 -18.71 -8.06 4.42
CA LEU A 14 -20.03 -8.63 4.15
C LEU A 14 -20.93 -7.64 3.44
N SER A 15 -20.89 -6.36 3.85
CA SER A 15 -21.71 -5.35 3.19
C SER A 15 -21.30 -5.17 1.74
N VAL A 16 -19.99 -5.27 1.46
CA VAL A 16 -19.53 -5.24 0.07
C VAL A 16 -19.92 -6.53 -0.64
N ILE A 17 -19.63 -7.68 -0.03
CA ILE A 17 -20.01 -8.97 -0.61
C ILE A 17 -21.51 -9.02 -0.84
N GLY A 18 -22.29 -8.59 0.17
CA GLY A 18 -23.73 -8.62 0.03
C GLY A 18 -24.22 -7.72 -1.10
N TYR A 19 -23.64 -6.53 -1.22
CA TYR A 19 -24.05 -5.63 -2.29
C TYR A 19 -23.71 -6.20 -3.66
N ALA A 20 -22.52 -6.81 -3.78
CA ALA A 20 -22.06 -7.26 -5.09
C ALA A 20 -22.82 -8.50 -5.55
N VAL A 21 -22.96 -9.50 -4.68
CA VAL A 21 -23.68 -10.70 -5.08
C VAL A 21 -25.18 -10.44 -4.94
N GLY A 22 -25.90 -10.68 -6.03
CA GLY A 22 -27.32 -10.41 -6.04
C GLY A 22 -28.03 -11.31 -7.03
N LEU A 23 -29.21 -10.89 -7.47
CA LEU A 23 -30.02 -11.76 -8.31
C LEU A 23 -29.29 -12.15 -9.60
N ALA A 24 -28.60 -11.21 -10.23
CA ALA A 24 -27.90 -11.49 -11.49
C ALA A 24 -26.93 -12.66 -11.39
N ASN A 25 -26.42 -12.96 -10.19
CA ASN A 25 -25.53 -14.10 -10.04
C ASN A 25 -26.26 -15.41 -10.34
N VAL A 26 -27.55 -15.48 -10.02
CA VAL A 26 -28.28 -16.73 -10.15
C VAL A 26 -29.15 -16.74 -11.40
N TRP A 27 -29.69 -15.58 -11.79
CA TRP A 27 -30.69 -15.57 -12.85
C TRP A 27 -30.20 -14.92 -14.14
N ARG A 28 -28.89 -14.77 -14.32
CA ARG A 28 -28.36 -14.33 -15.61
C ARG A 28 -27.05 -15.01 -15.98
N PHE A 29 -26.10 -15.09 -15.06
CA PHE A 29 -24.82 -15.71 -15.39
C PHE A 29 -24.96 -17.17 -15.84
N PRO A 30 -25.76 -18.02 -15.18
CA PRO A 30 -25.92 -19.39 -15.71
C PRO A 30 -26.47 -19.42 -17.13
N TYR A 31 -27.52 -18.65 -17.41
CA TYR A 31 -28.07 -18.63 -18.76
C TYR A 31 -27.00 -18.22 -19.77
N LEU A 32 -26.17 -17.25 -19.41
CA LEU A 32 -25.13 -16.80 -20.32
C LEU A 32 -24.13 -17.91 -20.62
N CYS A 33 -23.81 -18.73 -19.62
CA CYS A 33 -22.94 -19.88 -19.85
C CYS A 33 -23.60 -20.88 -20.80
N TYR A 34 -24.86 -21.22 -20.53
CA TYR A 34 -25.58 -22.14 -21.40
C TYR A 34 -25.69 -21.60 -22.81
N LYS A 35 -25.96 -20.32 -22.96
CA LYS A 35 -26.17 -19.76 -24.29
C LYS A 35 -24.91 -19.41 -25.05
N ASN A 36 -23.79 -19.37 -24.37
CA ASN A 36 -22.56 -18.90 -25.00
C ASN A 36 -21.41 -19.88 -24.82
N GLY A 37 -21.68 -21.17 -24.96
CA GLY A 37 -20.61 -22.14 -25.05
C GLY A 37 -20.19 -22.82 -23.77
N GLY A 38 -20.97 -22.69 -22.69
CA GLY A 38 -20.64 -23.41 -21.48
C GLY A 38 -19.33 -22.93 -20.87
N GLY A 39 -18.48 -23.88 -20.49
CA GLY A 39 -17.21 -23.53 -19.89
C GLY A 39 -16.36 -22.63 -20.75
N ALA A 40 -16.56 -22.68 -22.07
CA ALA A 40 -15.83 -21.80 -22.97
C ALA A 40 -16.29 -20.34 -22.85
N PHE A 41 -17.44 -20.08 -22.24
CA PHE A 41 -17.84 -18.71 -21.96
C PHE A 41 -17.00 -18.10 -20.83
N LEU A 42 -16.37 -18.94 -20.00
CA LEU A 42 -15.60 -18.42 -18.87
C LEU A 42 -14.31 -17.75 -19.30
N VAL A 43 -13.82 -18.02 -20.51
CA VAL A 43 -12.58 -17.38 -20.97
C VAL A 43 -12.87 -15.92 -21.31
N PRO A 44 -13.80 -15.59 -22.22
CA PRO A 44 -14.08 -14.16 -22.44
C PRO A 44 -14.70 -13.51 -21.22
N TYR A 45 -15.41 -14.27 -20.40
CA TYR A 45 -15.89 -13.74 -19.13
C TYR A 45 -14.75 -13.52 -18.15
N GLY A 46 -13.73 -14.38 -18.18
CA GLY A 46 -12.59 -14.18 -17.30
C GLY A 46 -11.70 -13.04 -17.73
N ILE A 47 -11.53 -12.87 -19.04
CA ILE A 47 -10.70 -11.77 -19.54
C ILE A 47 -11.37 -10.43 -19.28
N MET A 48 -12.64 -10.30 -19.67
CA MET A 48 -13.38 -9.07 -19.39
C MET A 48 -13.59 -8.84 -17.91
N LEU A 49 -13.35 -9.85 -17.08
CA LEU A 49 -13.35 -9.65 -15.64
C LEU A 49 -12.00 -9.14 -15.14
N ALA A 50 -10.91 -9.57 -15.78
CA ALA A 50 -9.57 -9.14 -15.36
C ALA A 50 -9.26 -7.73 -15.86
N VAL A 51 -9.56 -7.43 -17.12
CA VAL A 51 -9.25 -6.12 -17.66
C VAL A 51 -10.41 -5.14 -17.49
N GLY A 52 -11.64 -5.63 -17.42
CA GLY A 52 -12.79 -4.74 -17.37
C GLY A 52 -13.34 -4.50 -15.99
N GLY A 53 -13.95 -5.54 -15.40
CA GLY A 53 -14.67 -5.39 -14.15
C GLY A 53 -13.85 -5.03 -12.92
N ILE A 54 -12.83 -5.85 -12.61
CA ILE A 54 -12.09 -5.62 -11.37
C ILE A 54 -11.40 -4.29 -11.31
N PRO A 55 -10.75 -3.77 -12.36
CA PRO A 55 -10.17 -2.41 -12.26
C PRO A 55 -11.18 -1.35 -11.84
N LEU A 56 -12.39 -1.39 -12.38
CA LEU A 56 -13.42 -0.43 -11.97
C LEU A 56 -13.85 -0.71 -10.53
N PHE A 57 -13.98 -1.98 -10.16
CA PHE A 57 -14.33 -2.37 -8.80
C PHE A 57 -13.26 -1.91 -7.81
N TYR A 58 -11.99 -2.15 -8.15
CA TYR A 58 -10.88 -1.73 -7.30
C TYR A 58 -10.82 -0.21 -7.16
N MET A 59 -11.01 0.51 -8.27
CA MET A 59 -10.89 1.96 -8.27
C MET A 59 -11.88 2.62 -7.32
N GLU A 60 -13.16 2.27 -7.44
CA GLU A 60 -14.17 2.92 -6.60
C GLU A 60 -13.92 2.62 -5.13
N LEU A 61 -13.46 1.41 -4.82
CA LEU A 61 -13.17 1.07 -3.44
C LEU A 61 -12.03 1.91 -2.90
N ALA A 62 -10.97 2.08 -3.68
CA ALA A 62 -9.87 2.96 -3.27
C ALA A 62 -10.34 4.40 -3.15
N LEU A 63 -11.13 4.88 -4.12
CA LEU A 63 -11.64 6.25 -4.07
C LEU A 63 -12.46 6.48 -2.81
N GLY A 64 -13.24 5.49 -2.38
CA GLY A 64 -14.04 5.64 -1.18
C GLY A 64 -13.20 5.79 0.06
N GLN A 65 -12.33 4.79 0.31
CA GLN A 65 -11.50 4.80 1.50
C GLN A 65 -10.59 6.02 1.56
N HIS A 66 -10.24 6.59 0.41
CA HIS A 66 -9.22 7.64 0.35
C HIS A 66 -9.80 9.02 0.62
N ASN A 67 -10.91 9.38 -0.01
CA ASN A 67 -11.47 10.72 0.10
C ASN A 67 -12.49 10.84 1.23
N ARG A 68 -12.83 9.73 1.88
CA ARG A 68 -13.58 9.72 3.14
C ARG A 68 -14.93 10.44 3.06
N LYS A 69 -15.51 10.57 1.87
CA LYS A 69 -16.83 11.20 1.74
C LYS A 69 -17.62 10.51 0.64
N GLY A 70 -18.94 10.70 0.69
CA GLY A 70 -19.84 10.10 -0.27
C GLY A 70 -19.70 10.67 -1.67
N ALA A 71 -20.58 10.21 -2.56
CA ALA A 71 -20.39 10.40 -4.00
C ALA A 71 -20.41 11.87 -4.38
N ILE A 72 -21.32 12.66 -3.81
CA ILE A 72 -21.43 14.07 -4.19
C ILE A 72 -20.15 14.82 -3.84
N THR A 73 -19.75 14.75 -2.56
CA THR A 73 -18.55 15.45 -2.13
C THR A 73 -17.30 14.88 -2.78
N CYS A 74 -17.21 13.54 -2.86
CA CYS A 74 -15.99 12.89 -3.33
C CYS A 74 -15.62 13.36 -4.74
N TRP A 75 -16.59 13.37 -5.65
CA TRP A 75 -16.31 13.81 -7.01
C TRP A 75 -16.14 15.32 -7.11
N GLY A 76 -16.74 16.07 -6.19
CA GLY A 76 -16.44 17.50 -6.11
C GLY A 76 -15.00 17.76 -5.70
N ARG A 77 -14.50 16.99 -4.73
CA ARG A 77 -13.13 17.14 -4.23
C ARG A 77 -12.08 16.55 -5.14
N LEU A 78 -12.48 15.88 -6.23
CA LEU A 78 -11.56 15.25 -7.17
C LEU A 78 -11.39 16.11 -8.42
N VAL A 79 -12.48 16.37 -9.12
CA VAL A 79 -12.51 17.27 -10.27
C VAL A 79 -13.76 18.14 -10.11
N PRO A 80 -13.64 19.37 -9.60
CA PRO A 80 -14.85 20.20 -9.40
C PRO A 80 -15.66 20.42 -10.66
N LEU A 81 -15.04 20.34 -11.84
CA LEU A 81 -15.78 20.44 -13.09
C LEU A 81 -16.79 19.31 -13.24
N PHE A 82 -16.52 18.15 -12.64
CA PHE A 82 -17.35 16.97 -12.80
C PHE A 82 -18.12 16.60 -11.54
N LYS A 83 -18.41 17.58 -10.68
CA LYS A 83 -19.15 17.31 -9.46
C LYS A 83 -20.54 16.75 -9.75
N GLY A 84 -21.07 16.95 -10.97
CA GLY A 84 -22.35 16.37 -11.33
C GLY A 84 -22.33 14.87 -11.52
N ILE A 85 -21.14 14.30 -11.70
CA ILE A 85 -21.01 12.84 -11.61
C ILE A 85 -21.56 12.36 -10.30
N GLY A 86 -21.28 13.09 -9.22
CA GLY A 86 -21.94 12.85 -7.95
C GLY A 86 -23.44 12.86 -8.11
N TYR A 87 -23.99 14.00 -8.53
CA TYR A 87 -25.44 14.16 -8.59
C TYR A 87 -26.08 13.16 -9.55
N ALA A 88 -25.41 12.88 -10.67
CA ALA A 88 -25.93 11.87 -11.59
C ALA A 88 -26.06 10.53 -10.90
N VAL A 89 -24.97 10.07 -10.29
CA VAL A 89 -24.95 8.74 -9.70
C VAL A 89 -25.95 8.61 -8.56
N VAL A 90 -26.15 9.68 -7.78
CA VAL A 90 -27.16 9.57 -6.71
C VAL A 90 -28.56 9.60 -7.31
N LEU A 91 -28.73 10.19 -8.50
CA LEU A 91 -30.03 10.15 -9.15
C LEU A 91 -30.32 8.78 -9.74
N ILE A 92 -29.31 8.12 -10.32
CA ILE A 92 -29.48 6.78 -10.85
C ILE A 92 -29.88 5.82 -9.73
N SER A 93 -29.16 5.86 -8.61
CA SER A 93 -29.55 5.08 -7.44
C SER A 93 -31.00 5.35 -7.08
N PHE A 94 -31.36 6.62 -7.05
CA PHE A 94 -32.72 7.02 -6.73
C PHE A 94 -33.73 6.39 -7.68
N TYR A 95 -33.51 6.52 -8.98
CA TYR A 95 -34.41 5.91 -9.96
C TYR A 95 -34.45 4.40 -9.81
N LEU A 96 -33.28 3.78 -9.60
CA LEU A 96 -33.20 2.34 -9.50
C LEU A 96 -34.09 1.80 -8.38
N ASN A 97 -34.13 2.49 -7.24
CA ASN A 97 -34.95 2.02 -6.13
C ASN A 97 -36.44 2.15 -6.40
N PHE A 98 -36.83 2.99 -7.36
CA PHE A 98 -38.24 3.04 -7.75
C PHE A 98 -38.74 1.73 -8.32
N TYR A 99 -37.85 0.85 -8.78
CA TYR A 99 -38.29 -0.36 -9.48
C TYR A 99 -37.57 -1.61 -9.04
N TYR A 100 -36.30 -1.51 -8.63
CA TYR A 100 -35.56 -2.74 -8.32
C TYR A 100 -36.07 -3.42 -7.05
N ASN A 101 -36.86 -2.72 -6.23
CA ASN A 101 -37.27 -3.29 -4.95
C ASN A 101 -38.50 -4.19 -5.06
N VAL A 102 -39.27 -4.11 -6.15
CA VAL A 102 -40.46 -4.94 -6.24
C VAL A 102 -40.09 -6.40 -6.47
N ILE A 103 -38.92 -6.66 -7.08
CA ILE A 103 -38.47 -8.04 -7.23
C ILE A 103 -38.29 -8.68 -5.87
N ILE A 104 -37.85 -7.91 -4.87
CA ILE A 104 -37.81 -8.42 -3.50
C ILE A 104 -39.22 -8.68 -2.99
N ALA A 105 -40.16 -7.79 -3.31
CA ALA A 105 -41.54 -7.98 -2.86
C ALA A 105 -42.18 -9.20 -3.51
N TRP A 106 -41.83 -9.48 -4.77
CA TRP A 106 -42.36 -10.68 -5.43
C TRP A 106 -41.88 -11.94 -4.72
N SER A 107 -40.58 -12.01 -4.43
CA SER A 107 -40.04 -13.19 -3.75
C SER A 107 -40.60 -13.35 -2.34
N LEU A 108 -41.07 -12.26 -1.72
CA LEU A 108 -41.69 -12.38 -0.41
C LEU A 108 -43.13 -12.85 -0.52
N ARG A 109 -43.87 -12.34 -1.53
CA ARG A 109 -45.24 -12.81 -1.76
C ARG A 109 -45.27 -14.30 -2.05
N PHE A 110 -44.22 -14.83 -2.68
CA PHE A 110 -44.12 -16.27 -2.88
C PHE A 110 -43.78 -16.98 -1.57
N PHE A 111 -42.92 -16.36 -0.75
CA PHE A 111 -42.58 -16.91 0.56
C PHE A 111 -43.83 -17.16 1.39
N PHE A 112 -44.74 -16.18 1.42
CA PHE A 112 -45.97 -16.32 2.20
C PHE A 112 -46.91 -17.34 1.58
N ALA A 113 -46.84 -17.51 0.26
CA ALA A 113 -47.73 -18.42 -0.45
C ALA A 113 -47.34 -19.89 -0.31
N SER A 114 -46.15 -20.17 0.20
CA SER A 114 -45.65 -21.54 0.32
C SER A 114 -46.00 -22.18 1.66
N PHE A 115 -46.89 -21.57 2.44
CA PHE A 115 -47.33 -22.15 3.72
C PHE A 115 -48.58 -22.99 3.49
N THR A 116 -48.37 -24.17 2.90
CA THR A 116 -49.46 -25.09 2.61
C THR A 116 -48.88 -26.45 2.25
N ASN A 117 -49.73 -27.48 2.37
CA ASN A 117 -49.31 -28.84 2.03
C ASN A 117 -49.10 -28.99 0.53
N SER A 118 -49.83 -28.24 -0.29
CA SER A 118 -49.76 -28.31 -1.74
C SER A 118 -49.65 -26.89 -2.29
N LEU A 119 -48.48 -26.57 -2.85
CA LEU A 119 -48.21 -25.21 -3.30
C LEU A 119 -49.19 -24.82 -4.40
N PRO A 120 -49.63 -23.54 -4.43
CA PRO A 120 -50.74 -23.18 -5.32
C PRO A 120 -50.43 -23.19 -6.81
N TRP A 121 -49.15 -23.29 -7.21
CA TRP A 121 -48.77 -23.10 -8.60
C TRP A 121 -48.42 -24.40 -9.31
N THR A 122 -48.97 -25.52 -8.87
CA THR A 122 -48.63 -26.80 -9.48
C THR A 122 -49.72 -27.35 -10.40
N SER A 123 -50.99 -27.07 -10.12
CA SER A 123 -52.09 -27.59 -10.92
C SER A 123 -52.64 -26.52 -11.85
N CYS A 124 -53.41 -26.98 -12.84
CA CYS A 124 -54.04 -26.11 -13.83
C CYS A 124 -55.56 -26.07 -13.69
N ASN A 125 -56.07 -26.22 -12.47
CA ASN A 125 -57.51 -26.34 -12.27
C ASN A 125 -58.00 -25.40 -11.17
N ASN A 126 -57.44 -24.21 -11.10
CA ASN A 126 -57.85 -23.21 -10.13
C ASN A 126 -58.61 -22.07 -10.83
N ILE A 127 -59.12 -21.17 -9.99
CA ILE A 127 -59.94 -20.05 -10.47
C ILE A 127 -59.22 -19.23 -11.53
N TRP A 128 -57.90 -19.14 -11.44
CA TRP A 128 -57.11 -18.24 -12.27
C TRP A 128 -56.54 -18.89 -13.51
N ASN A 129 -56.92 -20.13 -13.83
CA ASN A 129 -56.34 -20.82 -14.96
C ASN A 129 -57.21 -20.66 -16.22
N THR A 130 -56.62 -21.02 -17.35
CA THR A 130 -57.23 -20.93 -18.66
C THR A 130 -57.13 -22.28 -19.36
N PRO A 131 -57.90 -22.50 -20.43
CA PRO A 131 -57.74 -23.74 -21.20
C PRO A 131 -56.36 -23.90 -21.81
N ASN A 132 -55.64 -22.81 -22.03
CA ASN A 132 -54.29 -22.86 -22.59
C ASN A 132 -53.24 -23.30 -21.57
N CYS A 133 -53.66 -23.76 -20.40
CA CYS A 133 -52.73 -24.15 -19.34
C CYS A 133 -52.16 -25.53 -19.62
N ARG A 134 -50.84 -25.63 -19.67
CA ARG A 134 -50.11 -26.88 -19.74
C ARG A 134 -49.34 -27.09 -18.44
N PRO A 135 -48.93 -28.32 -18.14
CA PRO A 135 -48.15 -28.53 -16.91
C PRO A 135 -46.82 -27.78 -16.88
N PHE A 136 -46.11 -27.68 -18.01
CA PHE A 136 -44.78 -27.05 -18.02
C PHE A 136 -44.59 -26.32 -19.35
N GLU A 137 -43.38 -25.80 -19.57
CA GLU A 137 -43.13 -24.86 -20.65
C GLU A 137 -43.20 -25.55 -22.02
N GLY A 138 -43.37 -24.75 -23.06
CA GLY A 138 -43.49 -25.24 -24.42
C GLY A 138 -42.98 -24.24 -25.44
N HIS A 139 -43.03 -24.65 -26.71
CA HIS A 139 -42.51 -23.82 -27.80
C HIS A 139 -43.36 -22.59 -28.04
N VAL A 140 -44.63 -22.60 -27.64
CA VAL A 140 -45.60 -21.64 -28.12
C VAL A 140 -45.87 -20.58 -27.05
N GLU A 141 -46.19 -19.37 -27.50
CA GLU A 141 -46.46 -18.27 -26.59
C GLU A 141 -47.87 -18.33 -26.01
N GLY A 142 -48.86 -18.61 -26.86
CA GLY A 142 -50.25 -18.53 -26.45
C GLY A 142 -50.67 -19.55 -25.41
N PHE A 143 -49.93 -20.66 -25.30
CA PHE A 143 -50.27 -21.75 -24.38
C PHE A 143 -49.18 -21.83 -23.31
N GLN A 144 -49.40 -21.14 -22.19
CA GLN A 144 -48.41 -21.02 -21.14
C GLN A 144 -48.57 -22.13 -20.10
N SER A 145 -47.60 -22.20 -19.19
CA SER A 145 -47.53 -23.25 -18.19
C SER A 145 -48.26 -22.84 -16.91
N ALA A 146 -48.41 -23.82 -16.01
CA ALA A 146 -49.20 -23.60 -14.79
C ALA A 146 -48.56 -22.55 -13.89
N ALA A 147 -47.23 -22.51 -13.84
CA ALA A 147 -46.55 -21.50 -13.04
C ALA A 147 -46.49 -20.16 -13.75
N SER A 148 -46.45 -20.17 -15.09
CA SER A 148 -46.60 -18.93 -15.84
C SER A 148 -47.95 -18.30 -15.60
N GLU A 149 -48.99 -19.12 -15.37
CA GLU A 149 -50.33 -18.61 -15.17
C GLU A 149 -50.57 -18.17 -13.73
N TYR A 150 -49.91 -18.81 -12.77
CA TYR A 150 -50.03 -18.37 -11.38
C TYR A 150 -49.39 -17.00 -11.17
N PHE A 151 -48.30 -16.72 -11.89
CA PHE A 151 -47.58 -15.47 -11.72
C PHE A 151 -48.31 -14.31 -12.41
N ASN A 152 -48.77 -14.52 -13.65
CA ASN A 152 -49.37 -13.45 -14.42
C ASN A 152 -50.87 -13.28 -14.19
N ARG A 153 -51.51 -14.17 -13.43
CA ARG A 153 -52.96 -14.09 -13.25
C ARG A 153 -53.43 -14.08 -11.80
N TYR A 154 -52.65 -14.59 -10.85
CA TYR A 154 -53.00 -14.48 -9.43
C TYR A 154 -52.15 -13.49 -8.67
N ILE A 155 -50.84 -13.44 -8.94
CA ILE A 155 -49.94 -12.57 -8.18
C ILE A 155 -49.96 -11.17 -8.80
N LEU A 156 -49.69 -11.09 -10.10
CA LEU A 156 -49.64 -9.78 -10.76
C LEU A 156 -51.03 -9.29 -11.16
N GLU A 157 -51.91 -10.22 -11.56
CA GLU A 157 -53.13 -9.89 -12.30
C GLU A 157 -52.81 -9.06 -13.55
N LEU A 158 -51.66 -9.34 -14.15
CA LEU A 158 -51.23 -8.61 -15.35
C LEU A 158 -52.25 -8.70 -16.47
N ASN A 159 -52.98 -9.82 -16.55
CA ASN A 159 -53.94 -10.00 -17.63
C ASN A 159 -55.08 -9.00 -17.55
N ARG A 160 -55.30 -8.38 -16.39
CA ARG A 160 -56.36 -7.40 -16.20
C ARG A 160 -55.94 -5.98 -16.54
N SER A 161 -54.83 -5.81 -17.26
CA SER A 161 -54.33 -4.50 -17.65
C SER A 161 -54.12 -4.45 -19.15
N GLU A 162 -54.46 -3.32 -19.77
CA GLU A 162 -54.31 -3.14 -21.20
C GLU A 162 -53.04 -2.37 -21.55
N GLY A 163 -52.14 -2.16 -20.60
CA GLY A 163 -50.87 -1.53 -20.87
C GLY A 163 -50.49 -0.58 -19.75
N ILE A 164 -49.49 0.27 -20.04
CA ILE A 164 -49.01 1.22 -19.05
C ILE A 164 -50.06 2.28 -18.74
N HIS A 165 -50.99 2.53 -19.67
CA HIS A 165 -52.03 3.53 -19.43
C HIS A 165 -53.08 3.02 -18.46
N ASP A 166 -53.21 1.71 -18.29
CA ASP A 166 -54.24 1.10 -17.47
C ASP A 166 -53.57 0.34 -16.33
N LEU A 167 -53.14 1.08 -15.31
CA LEU A 167 -52.70 0.42 -14.08
C LEU A 167 -53.89 -0.19 -13.35
N GLY A 168 -55.08 0.39 -13.52
CA GLY A 168 -56.30 -0.16 -12.96
C GLY A 168 -56.28 -0.23 -11.45
N ALA A 169 -56.90 -1.30 -10.93
CA ALA A 169 -56.99 -1.49 -9.49
C ALA A 169 -55.59 -1.62 -8.89
N ILE A 170 -55.53 -1.54 -7.56
CA ILE A 170 -54.28 -1.54 -6.83
C ILE A 170 -54.25 -2.77 -5.94
N LYS A 171 -53.19 -3.58 -6.09
CA LYS A 171 -53.13 -4.89 -5.44
C LYS A 171 -52.90 -4.77 -3.94
N TRP A 172 -53.98 -4.74 -3.16
CA TRP A 172 -53.84 -4.47 -1.74
C TRP A 172 -53.19 -5.64 -0.99
N ASP A 173 -53.33 -6.86 -1.49
CA ASP A 173 -52.62 -7.98 -0.87
C ASP A 173 -51.12 -7.92 -1.11
N MET A 174 -50.66 -7.12 -2.07
CA MET A 174 -49.26 -7.09 -2.45
C MET A 174 -48.57 -5.76 -2.14
N ALA A 175 -49.29 -4.64 -2.12
CA ALA A 175 -48.71 -3.42 -1.59
C ALA A 175 -48.18 -3.63 -0.18
N LEU A 176 -48.75 -4.60 0.55
CA LEU A 176 -48.26 -4.95 1.87
C LEU A 176 -46.83 -5.48 1.82
N CYS A 177 -46.53 -6.33 0.83
CA CYS A 177 -45.21 -6.96 0.78
C CYS A 177 -44.10 -5.93 0.54
N LEU A 178 -44.36 -4.95 -0.32
CA LEU A 178 -43.40 -3.87 -0.52
C LEU A 178 -43.20 -3.06 0.76
N LEU A 179 -44.20 -3.04 1.63
CA LEU A 179 -44.06 -2.34 2.90
C LEU A 179 -43.12 -3.09 3.84
N ILE A 180 -43.20 -4.43 3.84
CA ILE A 180 -42.32 -5.22 4.70
C ILE A 180 -40.87 -5.04 4.28
N VAL A 181 -40.59 -5.04 2.98
CA VAL A 181 -39.20 -4.92 2.53
C VAL A 181 -38.64 -3.55 2.87
N TYR A 182 -39.49 -2.53 3.00
CA TYR A 182 -38.99 -1.20 3.30
C TYR A 182 -38.72 -0.97 4.78
N LEU A 183 -39.39 -1.73 5.66
CA LEU A 183 -39.06 -1.67 7.08
C LEU A 183 -37.71 -2.32 7.37
N ILE A 184 -37.49 -3.52 6.83
CA ILE A 184 -36.25 -4.24 7.06
C ILE A 184 -35.03 -3.43 6.65
N CYS A 185 -35.19 -2.51 5.70
CA CYS A 185 -34.10 -1.59 5.40
C CYS A 185 -34.08 -0.40 6.36
N TYR A 186 -35.24 0.05 6.84
CA TYR A 186 -35.25 1.14 7.81
C TYR A 186 -34.53 0.73 9.09
N PHE A 187 -35.00 -0.32 9.76
CA PHE A 187 -34.45 -0.74 11.03
C PHE A 187 -33.02 -1.26 10.93
N SER A 188 -32.45 -1.27 9.72
CA SER A 188 -31.06 -1.65 9.52
C SER A 188 -30.21 -0.54 8.92
N LEU A 189 -30.79 0.62 8.62
CA LEU A 189 -30.02 1.72 8.05
C LEU A 189 -30.22 3.06 8.75
N TRP A 190 -31.18 3.17 9.67
CA TRP A 190 -31.40 4.44 10.35
C TRP A 190 -30.28 4.76 11.34
N LYS A 191 -29.68 3.73 11.93
CA LYS A 191 -28.61 3.92 12.90
C LYS A 191 -27.22 3.91 12.26
N GLY A 192 -27.14 4.10 10.94
CA GLY A 192 -25.85 4.06 10.29
C GLY A 192 -25.34 2.64 10.11
N ILE A 193 -24.03 2.54 9.89
CA ILE A 193 -23.38 1.25 9.64
C ILE A 193 -23.19 0.50 10.94
N SER A 194 -23.54 1.15 12.07
CA SER A 194 -23.47 0.44 13.35
C SER A 194 -24.37 -0.79 13.33
N THR A 195 -25.57 -0.65 12.77
CA THR A 195 -26.51 -1.75 12.63
C THR A 195 -26.53 -2.36 11.24
N SER A 196 -26.22 -1.57 10.20
CA SER A 196 -26.20 -2.11 8.84
C SER A 196 -25.14 -3.21 8.71
N GLY A 197 -23.90 -2.91 9.15
CA GLY A 197 -22.83 -3.89 9.13
C GLY A 197 -23.11 -5.15 9.93
N LYS A 198 -24.11 -5.12 10.81
CA LYS A 198 -24.50 -6.29 11.59
C LYS A 198 -25.63 -7.07 10.92
N VAL A 199 -26.57 -6.37 10.27
CA VAL A 199 -27.69 -7.06 9.63
C VAL A 199 -27.20 -7.85 8.41
N VAL A 200 -26.25 -7.28 7.67
CA VAL A 200 -25.73 -7.94 6.47
C VAL A 200 -25.11 -9.29 6.82
N TRP A 201 -24.81 -9.52 8.11
CA TRP A 201 -24.36 -10.84 8.53
C TRP A 201 -25.35 -11.92 8.14
N PHE A 202 -26.65 -11.66 8.32
CA PHE A 202 -27.65 -12.66 7.98
C PHE A 202 -27.94 -12.66 6.48
N THR A 203 -28.20 -11.49 5.90
CA THR A 203 -28.67 -11.42 4.53
C THR A 203 -27.57 -11.62 3.49
N ALA A 204 -26.31 -11.48 3.86
CA ALA A 204 -25.23 -11.81 2.93
C ALA A 204 -24.71 -13.23 3.11
N LEU A 205 -24.94 -13.85 4.27
CA LEU A 205 -24.51 -15.22 4.50
C LEU A 205 -25.61 -16.24 4.27
N PHE A 206 -26.88 -15.89 4.52
CA PHE A 206 -27.97 -16.81 4.25
C PHE A 206 -27.99 -17.33 2.81
N PRO A 207 -27.71 -16.52 1.78
CA PRO A 207 -27.64 -17.10 0.42
C PRO A 207 -26.74 -18.31 0.33
N TYR A 208 -25.61 -18.32 1.05
CA TYR A 208 -24.73 -19.48 1.00
C TYR A 208 -25.29 -20.67 1.76
N ALA A 209 -26.03 -20.41 2.85
CA ALA A 209 -26.79 -21.49 3.47
C ALA A 209 -27.78 -22.08 2.47
N ALA A 210 -28.58 -21.22 1.84
CA ALA A 210 -29.55 -21.68 0.87
C ALA A 210 -28.88 -22.29 -0.35
N LEU A 211 -27.79 -21.68 -0.82
CA LEU A 211 -27.07 -22.23 -1.98
C LEU A 211 -26.56 -23.63 -1.69
N LEU A 212 -26.14 -23.88 -0.44
CA LEU A 212 -25.52 -25.16 -0.12
C LEU A 212 -26.55 -26.28 -0.09
N ILE A 213 -27.67 -26.06 0.62
CA ILE A 213 -28.67 -27.13 0.74
C ILE A 213 -29.45 -27.31 -0.56
N LEU A 214 -29.58 -26.25 -1.37
CA LEU A 214 -30.16 -26.42 -2.69
C LEU A 214 -29.18 -27.07 -3.65
N LEU A 215 -27.87 -26.93 -3.39
CA LEU A 215 -26.89 -27.63 -4.21
C LEU A 215 -26.91 -29.12 -3.92
N ILE A 216 -26.94 -29.51 -2.64
CA ILE A 216 -26.99 -30.93 -2.31
C ILE A 216 -28.33 -31.52 -2.70
N ARG A 217 -29.41 -30.72 -2.68
CA ARG A 217 -30.69 -31.23 -3.13
C ARG A 217 -30.71 -31.43 -4.64
N GLY A 218 -30.36 -30.39 -5.39
CA GLY A 218 -30.40 -30.48 -6.84
C GLY A 218 -29.43 -31.46 -7.43
N LEU A 219 -28.37 -31.82 -6.69
CA LEU A 219 -27.38 -32.76 -7.23
C LEU A 219 -27.81 -34.20 -7.00
N THR A 220 -28.46 -34.49 -5.88
CA THR A 220 -29.03 -35.82 -5.68
C THR A 220 -30.44 -35.84 -6.29
N LEU A 221 -30.54 -35.37 -7.53
CA LEU A 221 -31.79 -35.38 -8.26
C LEU A 221 -31.65 -36.20 -9.53
N PRO A 222 -32.70 -36.97 -9.91
CA PRO A 222 -32.66 -37.67 -11.19
C PRO A 222 -32.39 -36.73 -12.35
N GLY A 223 -31.29 -36.94 -13.10
CA GLY A 223 -30.95 -36.04 -14.17
C GLY A 223 -30.14 -34.82 -13.78
N SER A 224 -29.68 -34.76 -12.53
CA SER A 224 -28.89 -33.61 -12.08
C SER A 224 -27.66 -33.41 -12.95
N PHE A 225 -26.89 -34.47 -13.16
CA PHE A 225 -25.69 -34.38 -13.99
C PHE A 225 -26.03 -33.85 -15.38
N LEU A 226 -27.17 -34.27 -15.94
CA LEU A 226 -27.57 -33.82 -17.27
C LEU A 226 -27.54 -32.29 -17.37
N GLY A 227 -28.05 -31.60 -16.35
CA GLY A 227 -28.04 -30.16 -16.37
C GLY A 227 -26.64 -29.58 -16.38
N ILE A 228 -25.74 -30.14 -15.57
CA ILE A 228 -24.36 -29.66 -15.50
C ILE A 228 -23.66 -29.77 -16.85
N GLN A 229 -24.11 -30.69 -17.72
CA GLN A 229 -23.60 -30.71 -19.08
C GLN A 229 -24.07 -29.49 -19.86
N TYR A 230 -25.36 -29.18 -19.78
CA TYR A 230 -25.89 -28.01 -20.47
C TYR A 230 -25.26 -26.71 -19.99
N TYR A 231 -24.62 -26.73 -18.82
CA TYR A 231 -24.06 -25.54 -18.19
C TYR A 231 -22.59 -25.33 -18.56
N LEU A 232 -21.76 -26.39 -18.53
CA LEU A 232 -20.32 -26.22 -18.73
C LEU A 232 -19.73 -26.84 -19.98
N THR A 233 -20.42 -27.75 -20.68
CA THR A 233 -19.78 -28.45 -21.79
C THR A 233 -19.22 -27.45 -22.80
N PRO A 234 -17.92 -27.52 -23.11
CA PRO A 234 -17.30 -26.44 -23.87
C PRO A 234 -17.77 -26.37 -25.32
N ASN A 235 -17.74 -25.15 -25.85
CA ASN A 235 -17.98 -24.87 -27.26
C ASN A 235 -17.15 -23.64 -27.60
N PHE A 236 -15.84 -23.82 -27.76
CA PHE A 236 -14.90 -22.69 -27.82
C PHE A 236 -15.15 -21.78 -29.02
N SER A 237 -15.94 -22.22 -30.00
CA SER A 237 -16.29 -21.34 -31.11
C SER A 237 -17.09 -20.13 -30.65
N ALA A 238 -17.61 -20.13 -29.43
CA ALA A 238 -18.23 -18.93 -28.89
C ALA A 238 -17.24 -17.79 -28.76
N ILE A 239 -16.04 -18.10 -28.24
CA ILE A 239 -14.97 -17.12 -28.06
C ILE A 239 -14.79 -16.25 -29.30
N TYR A 240 -15.04 -16.81 -30.49
CA TYR A 240 -14.83 -16.05 -31.72
C TYR A 240 -15.92 -15.00 -31.95
N LYS A 241 -17.12 -15.23 -31.40
CA LYS A 241 -18.23 -14.31 -31.64
C LYS A 241 -18.15 -13.12 -30.68
N ALA A 242 -18.35 -11.92 -31.22
CA ALA A 242 -18.32 -10.71 -30.39
C ALA A 242 -19.49 -10.63 -29.43
N GLU A 243 -20.54 -11.41 -29.65
CA GLU A 243 -21.70 -11.37 -28.77
C GLU A 243 -21.35 -11.93 -27.39
N VAL A 244 -20.62 -13.05 -27.34
CA VAL A 244 -20.22 -13.57 -26.04
C VAL A 244 -19.18 -12.66 -25.40
N TRP A 245 -18.32 -12.03 -26.20
CA TRP A 245 -17.38 -11.06 -25.65
C TRP A 245 -18.11 -9.85 -25.11
N ALA A 246 -19.18 -9.43 -25.78
CA ALA A 246 -20.03 -8.38 -25.25
C ALA A 246 -20.82 -8.87 -24.05
N ASP A 247 -21.49 -10.03 -24.18
CA ASP A 247 -22.24 -10.61 -23.08
C ASP A 247 -21.36 -10.79 -21.85
N ALA A 248 -20.12 -11.24 -22.05
CA ALA A 248 -19.17 -11.28 -20.95
C ALA A 248 -18.94 -9.89 -20.38
N ALA A 249 -18.60 -8.94 -21.23
CA ALA A 249 -18.27 -7.58 -20.77
C ALA A 249 -19.44 -6.97 -20.02
N THR A 250 -20.65 -7.04 -20.57
CA THR A 250 -21.78 -6.37 -19.91
C THR A 250 -22.20 -7.11 -18.64
N GLN A 251 -22.08 -8.44 -18.62
CA GLN A 251 -22.42 -9.17 -17.39
C GLN A 251 -21.42 -8.88 -16.28
N VAL A 252 -20.12 -8.81 -16.63
CA VAL A 252 -19.10 -8.54 -15.64
C VAL A 252 -19.29 -7.16 -15.01
N PHE A 253 -19.60 -6.16 -15.82
CA PHE A 253 -19.72 -4.80 -15.31
C PHE A 253 -20.96 -4.64 -14.43
N PHE A 254 -22.11 -5.13 -14.89
CA PHE A 254 -23.34 -4.92 -14.15
C PHE A 254 -23.42 -5.78 -12.89
N SER A 255 -22.76 -6.94 -12.89
CA SER A 255 -22.81 -7.81 -11.72
C SER A 255 -21.87 -7.36 -10.62
N LEU A 256 -20.77 -6.68 -10.97
CA LEU A 256 -19.89 -6.11 -9.96
C LEU A 256 -20.39 -4.76 -9.47
N GLY A 257 -21.21 -4.07 -10.27
CA GLY A 257 -21.86 -2.83 -9.89
C GLY A 257 -20.98 -1.71 -9.36
N PRO A 258 -19.87 -1.39 -10.05
CA PRO A 258 -19.07 -0.25 -9.61
C PRO A 258 -19.52 1.05 -10.25
N GLY A 259 -19.52 2.11 -9.45
CA GLY A 259 -19.78 3.47 -9.92
C GLY A 259 -20.91 4.16 -9.21
N LEU A 260 -21.91 3.42 -8.73
CA LEU A 260 -23.07 4.01 -8.09
C LEU A 260 -22.76 4.72 -6.75
N GLY A 261 -21.50 4.90 -6.36
CA GLY A 261 -21.19 5.50 -5.07
C GLY A 261 -21.47 4.63 -3.87
N SER A 262 -21.89 3.38 -4.07
CA SER A 262 -22.15 2.49 -2.95
C SER A 262 -20.86 1.88 -2.40
N LEU A 263 -20.03 1.33 -3.28
CA LEU A 263 -18.68 0.93 -2.87
C LEU A 263 -17.86 2.13 -2.46
N LEU A 264 -18.05 3.28 -3.12
CA LEU A 264 -17.55 4.55 -2.64
C LEU A 264 -17.96 4.78 -1.18
N ALA A 265 -19.28 4.78 -0.94
CA ALA A 265 -19.80 5.04 0.40
C ALA A 265 -19.29 4.01 1.40
N TYR A 266 -19.42 2.73 1.07
CA TYR A 266 -19.00 1.68 2.00
C TYR A 266 -17.53 1.80 2.35
N ALA A 267 -16.68 2.09 1.37
CA ALA A 267 -15.27 2.23 1.64
C ALA A 267 -14.96 3.56 2.32
N SER A 268 -15.77 4.59 2.08
CA SER A 268 -15.55 5.89 2.72
C SER A 268 -15.70 5.83 4.24
N TYR A 269 -16.23 4.73 4.78
CA TYR A 269 -16.27 4.52 6.23
C TYR A 269 -15.14 3.60 6.70
N ASN A 270 -14.14 3.38 5.86
CA ASN A 270 -13.02 2.52 6.21
C ASN A 270 -11.93 3.31 6.94
N LYS A 271 -11.06 2.56 7.61
CA LYS A 271 -9.80 3.13 8.07
C LYS A 271 -8.93 3.45 6.87
N TYR A 272 -8.27 4.62 6.91
CA TYR A 272 -7.52 5.10 5.76
C TYR A 272 -6.46 4.11 5.30
N HIS A 273 -5.83 3.41 6.24
CA HIS A 273 -4.69 2.55 5.94
C HIS A 273 -5.09 1.08 5.78
N ASN A 274 -6.33 0.82 5.38
CA ASN A 274 -6.77 -0.54 5.12
C ASN A 274 -6.27 -1.02 3.77
N ASN A 275 -5.92 -2.30 3.69
CA ASN A 275 -5.40 -2.89 2.45
C ASN A 275 -6.55 -3.11 1.49
N VAL A 276 -7.01 -2.00 0.89
CA VAL A 276 -8.16 -2.03 0.00
C VAL A 276 -7.90 -2.88 -1.24
N TYR A 277 -6.63 -3.06 -1.62
CA TYR A 277 -6.31 -3.99 -2.70
C TYR A 277 -6.70 -5.41 -2.34
N LYS A 278 -6.45 -5.81 -1.09
CA LYS A 278 -6.89 -7.13 -0.64
C LYS A 278 -8.41 -7.24 -0.63
N ASP A 279 -9.09 -6.19 -0.15
CA ASP A 279 -10.55 -6.22 -0.08
C ASP A 279 -11.18 -6.29 -1.46
N ALA A 280 -10.58 -5.61 -2.44
CA ALA A 280 -11.12 -5.64 -3.79
C ALA A 280 -10.96 -7.02 -4.42
N LEU A 281 -9.76 -7.61 -4.32
CA LEU A 281 -9.52 -8.91 -4.92
C LEU A 281 -10.35 -10.00 -4.26
N LEU A 282 -10.44 -9.98 -2.93
CA LEU A 282 -11.21 -11.00 -2.22
C LEU A 282 -12.69 -10.92 -2.60
N THR A 283 -13.34 -9.80 -2.30
CA THR A 283 -14.78 -9.69 -2.49
C THR A 283 -15.18 -9.84 -3.96
N SER A 284 -14.33 -9.40 -4.89
CA SER A 284 -14.66 -9.58 -6.30
C SER A 284 -14.55 -11.04 -6.71
N PHE A 285 -13.69 -11.81 -6.03
CA PHE A 285 -13.61 -13.24 -6.31
C PHE A 285 -14.79 -13.99 -5.71
N ILE A 286 -15.19 -13.63 -4.49
CA ILE A 286 -16.39 -14.20 -3.89
C ILE A 286 -17.58 -14.01 -4.82
N ASN A 287 -17.64 -12.86 -5.48
CA ASN A 287 -18.77 -12.55 -6.35
C ASN A 287 -18.85 -13.49 -7.55
N SER A 288 -17.72 -13.76 -8.19
CA SER A 288 -17.74 -14.64 -9.36
C SER A 288 -17.84 -16.11 -8.96
N ALA A 289 -17.13 -16.51 -7.91
CA ALA A 289 -17.23 -17.88 -7.42
C ALA A 289 -18.66 -18.20 -6.97
N THR A 290 -19.37 -17.22 -6.42
CA THR A 290 -20.76 -17.43 -6.05
C THR A 290 -21.61 -17.70 -7.30
N SER A 291 -21.30 -17.01 -8.40
CA SER A 291 -22.04 -17.24 -9.64
C SER A 291 -21.83 -18.66 -10.16
N PHE A 292 -20.58 -19.14 -10.12
CA PHE A 292 -20.29 -20.51 -10.52
C PHE A 292 -21.11 -21.50 -9.70
N ILE A 293 -21.02 -21.39 -8.37
CA ILE A 293 -21.84 -22.23 -7.49
C ILE A 293 -23.31 -22.09 -7.85
N ALA A 294 -23.76 -20.86 -8.10
CA ALA A 294 -25.17 -20.62 -8.41
C ALA A 294 -25.61 -21.33 -9.69
N GLY A 295 -24.71 -21.46 -10.66
CA GLY A 295 -25.08 -22.16 -11.87
C GLY A 295 -25.32 -23.65 -11.65
N PHE A 296 -24.57 -24.24 -10.71
CA PHE A 296 -24.78 -25.65 -10.41
C PHE A 296 -26.11 -25.89 -9.72
N VAL A 297 -26.46 -25.04 -8.76
CA VAL A 297 -27.76 -25.20 -8.09
C VAL A 297 -28.90 -24.91 -9.06
N ILE A 298 -28.66 -24.08 -10.07
CA ILE A 298 -29.73 -23.75 -11.02
C ILE A 298 -29.85 -24.83 -12.07
N PHE A 299 -28.75 -25.18 -12.75
CA PHE A 299 -28.83 -26.07 -13.90
C PHE A 299 -28.98 -27.53 -13.52
N SER A 300 -28.60 -27.92 -12.30
CA SER A 300 -28.84 -29.28 -11.85
C SER A 300 -30.32 -29.62 -11.91
N VAL A 301 -31.15 -28.79 -11.26
CA VAL A 301 -32.60 -29.02 -11.30
C VAL A 301 -33.16 -28.72 -12.68
N LEU A 302 -32.53 -27.82 -13.43
CA LEU A 302 -32.92 -27.66 -14.83
C LEU A 302 -32.76 -28.96 -15.60
N GLY A 303 -31.72 -29.74 -15.26
CA GLY A 303 -31.57 -31.05 -15.87
C GLY A 303 -32.61 -32.05 -15.39
N TYR A 304 -32.90 -32.05 -14.08
CA TYR A 304 -33.98 -32.87 -13.54
C TYR A 304 -35.30 -32.59 -14.23
N MET A 305 -35.43 -31.43 -14.87
CA MET A 305 -36.65 -31.07 -15.60
C MET A 305 -36.68 -31.71 -16.98
N ALA A 306 -35.60 -31.60 -17.74
CA ALA A 306 -35.56 -32.21 -19.07
C ALA A 306 -35.62 -33.73 -19.00
N HIS A 307 -35.22 -34.33 -17.89
CA HIS A 307 -35.26 -35.79 -17.73
C HIS A 307 -36.60 -36.22 -17.14
N THR A 308 -36.78 -35.99 -15.84
CA THR A 308 -37.94 -36.52 -15.13
C THR A 308 -39.25 -35.89 -15.58
N LEU A 309 -39.20 -34.75 -16.25
CA LEU A 309 -40.39 -33.97 -16.56
C LEU A 309 -40.63 -33.80 -18.07
N GLY A 310 -39.64 -34.06 -18.91
CA GLY A 310 -39.82 -34.05 -20.35
C GLY A 310 -40.09 -32.69 -20.95
N VAL A 311 -39.11 -31.79 -20.90
CA VAL A 311 -39.21 -30.49 -21.54
C VAL A 311 -37.93 -30.26 -22.34
N ARG A 312 -38.04 -29.40 -23.35
CA ARG A 312 -36.85 -28.95 -24.04
C ARG A 312 -36.06 -28.01 -23.14
N ILE A 313 -34.72 -28.14 -23.19
CA ILE A 313 -33.90 -27.19 -22.46
C ILE A 313 -34.09 -25.79 -23.00
N GLU A 314 -34.47 -25.66 -24.28
CA GLU A 314 -34.74 -24.34 -24.86
C GLU A 314 -35.86 -23.64 -24.11
N ASP A 315 -36.85 -24.40 -23.64
CA ASP A 315 -38.06 -23.84 -23.08
C ASP A 315 -37.98 -23.54 -21.59
N VAL A 316 -36.96 -24.04 -20.90
CA VAL A 316 -36.81 -23.78 -19.48
C VAL A 316 -35.49 -23.11 -19.12
N ALA A 317 -34.48 -23.14 -19.98
CA ALA A 317 -33.23 -22.42 -19.74
C ALA A 317 -33.44 -20.97 -20.16
N THR A 318 -33.87 -20.15 -19.22
CA THR A 318 -34.14 -18.74 -19.44
C THR A 318 -33.32 -17.91 -18.45
N SER A 319 -33.66 -16.62 -18.37
CA SER A 319 -33.00 -15.71 -17.44
C SER A 319 -34.00 -14.67 -16.99
N GLY A 320 -33.73 -14.07 -15.83
CA GLY A 320 -34.56 -13.02 -15.31
C GLY A 320 -35.68 -13.56 -14.43
N PRO A 321 -36.69 -12.73 -14.16
CA PRO A 321 -37.79 -13.19 -13.30
C PRO A 321 -38.52 -14.40 -13.84
N GLY A 322 -38.42 -14.69 -15.14
CA GLY A 322 -38.96 -15.94 -15.65
C GLY A 322 -38.36 -17.15 -14.98
N LEU A 323 -37.04 -17.14 -14.75
CA LEU A 323 -36.35 -18.32 -14.24
C LEU A 323 -36.62 -18.56 -12.76
N VAL A 324 -36.76 -17.50 -11.95
CA VAL A 324 -36.92 -17.65 -10.52
C VAL A 324 -38.37 -17.56 -10.07
N PHE A 325 -39.31 -17.28 -10.97
CA PHE A 325 -40.70 -17.16 -10.57
C PHE A 325 -41.68 -18.08 -11.28
N VAL A 326 -41.28 -18.75 -12.39
CA VAL A 326 -42.13 -19.72 -13.06
C VAL A 326 -41.45 -21.07 -13.25
N VAL A 327 -40.23 -21.08 -13.79
CA VAL A 327 -39.63 -22.37 -14.12
C VAL A 327 -39.07 -23.04 -12.87
N TYR A 328 -38.15 -22.39 -12.16
CA TYR A 328 -37.55 -23.04 -11.00
C TYR A 328 -38.57 -23.42 -9.93
N PRO A 329 -39.56 -22.59 -9.58
CA PRO A 329 -40.60 -23.07 -8.64
C PRO A 329 -41.38 -24.26 -9.17
N ALA A 330 -41.53 -24.38 -10.50
CA ALA A 330 -42.24 -25.52 -11.05
C ALA A 330 -41.53 -26.82 -10.72
N ALA A 331 -40.19 -26.83 -10.76
CA ALA A 331 -39.44 -28.00 -10.32
C ALA A 331 -39.69 -28.28 -8.85
N ILE A 332 -39.81 -27.23 -8.03
CA ILE A 332 -39.92 -27.42 -6.59
C ILE A 332 -41.22 -28.16 -6.26
N ALA A 333 -42.31 -27.83 -6.94
CA ALA A 333 -43.61 -28.42 -6.64
C ALA A 333 -43.66 -29.92 -6.93
N THR A 334 -42.68 -30.41 -7.66
CA THR A 334 -42.65 -31.81 -8.03
C THR A 334 -41.79 -32.61 -7.08
N MET A 335 -40.66 -32.03 -6.69
CA MET A 335 -39.73 -32.78 -5.86
C MET A 335 -40.31 -33.14 -4.52
N PRO A 336 -39.76 -34.19 -3.92
CA PRO A 336 -40.20 -34.54 -2.57
C PRO A 336 -39.80 -33.45 -1.62
N ALA A 337 -40.31 -33.50 -0.40
CA ALA A 337 -40.04 -32.39 0.53
C ALA A 337 -40.17 -31.04 -0.16
N SER A 338 -41.23 -30.91 -0.97
CA SER A 338 -41.35 -29.80 -1.91
C SER A 338 -41.31 -28.45 -1.22
N THR A 339 -42.29 -28.18 -0.35
CA THR A 339 -42.47 -26.83 0.17
C THR A 339 -41.29 -26.35 0.99
N PHE A 340 -40.47 -27.26 1.52
CA PHE A 340 -39.27 -26.84 2.22
C PHE A 340 -38.28 -26.17 1.28
N TRP A 341 -38.00 -26.80 0.13
CA TRP A 341 -37.08 -26.23 -0.84
C TRP A 341 -37.57 -24.90 -1.39
N ALA A 342 -38.88 -24.64 -1.35
CA ALA A 342 -39.40 -23.38 -1.84
C ALA A 342 -39.18 -22.26 -0.84
N LEU A 343 -39.41 -22.52 0.45
CA LEU A 343 -39.26 -21.49 1.46
C LEU A 343 -37.82 -20.97 1.52
N ILE A 344 -36.84 -21.87 1.50
CA ILE A 344 -35.46 -21.42 1.56
C ILE A 344 -35.00 -20.83 0.23
N PHE A 345 -35.68 -21.18 -0.88
CA PHE A 345 -35.32 -20.61 -2.17
C PHE A 345 -35.81 -19.18 -2.30
N PHE A 346 -37.03 -18.89 -1.83
CA PHE A 346 -37.56 -17.54 -1.94
C PHE A 346 -36.91 -16.61 -0.93
N MET A 347 -36.50 -17.13 0.23
CA MET A 347 -35.68 -16.32 1.12
C MET A 347 -34.33 -16.03 0.50
N MET A 348 -33.76 -16.99 -0.22
CA MET A 348 -32.50 -16.75 -0.91
C MET A 348 -32.65 -15.62 -1.92
N LEU A 349 -33.79 -15.55 -2.60
CA LEU A 349 -34.06 -14.44 -3.51
C LEU A 349 -34.17 -13.14 -2.74
N ALA A 350 -34.85 -13.14 -1.60
CA ALA A 350 -35.02 -11.92 -0.82
C ALA A 350 -33.70 -11.47 -0.20
N THR A 351 -32.96 -12.40 0.42
CA THR A 351 -31.70 -12.03 1.03
C THR A 351 -30.65 -11.64 -0.02
N LEU A 352 -30.76 -12.16 -1.24
CA LEU A 352 -29.87 -11.71 -2.30
C LEU A 352 -30.23 -10.31 -2.79
N GLY A 353 -31.45 -9.86 -2.56
CA GLY A 353 -31.88 -8.56 -3.03
C GLY A 353 -31.70 -7.45 -2.01
N LEU A 354 -31.73 -7.79 -0.72
CA LEU A 354 -31.70 -6.75 0.32
C LEU A 354 -30.32 -6.11 0.42
N ASP A 355 -29.26 -6.90 0.58
CA ASP A 355 -27.92 -6.33 0.71
C ASP A 355 -27.60 -5.42 -0.47
N SER A 356 -28.04 -5.79 -1.67
CA SER A 356 -27.74 -5.01 -2.85
C SER A 356 -28.53 -3.72 -2.91
N GLN A 357 -29.66 -3.64 -2.22
CA GLN A 357 -30.35 -2.36 -2.09
C GLN A 357 -29.86 -1.56 -0.89
N PHE A 358 -29.34 -2.23 0.13
CA PHE A 358 -28.62 -1.53 1.18
C PHE A 358 -27.52 -0.65 0.58
N GLY A 359 -26.85 -1.17 -0.45
CA GLY A 359 -25.76 -0.42 -1.06
C GLY A 359 -26.24 0.78 -1.86
N THR A 360 -27.28 0.60 -2.67
CA THR A 360 -27.78 1.71 -3.47
C THR A 360 -28.26 2.87 -2.62
N VAL A 361 -29.03 2.60 -1.57
CA VAL A 361 -29.46 3.72 -0.73
C VAL A 361 -28.27 4.29 0.04
N GLU A 362 -27.47 3.47 0.72
CA GLU A 362 -26.30 4.00 1.44
C GLU A 362 -25.46 4.90 0.56
N ALA A 363 -25.38 4.60 -0.74
CA ALA A 363 -24.77 5.53 -1.68
C ALA A 363 -25.44 6.90 -1.62
N ILE A 364 -26.74 6.94 -1.36
CA ILE A 364 -27.45 8.20 -1.21
C ILE A 364 -27.21 8.82 0.16
N ILE A 365 -27.46 8.10 1.26
CA ILE A 365 -27.35 8.73 2.58
C ILE A 365 -25.94 9.29 2.83
N THR A 366 -24.90 8.49 2.56
CA THR A 366 -23.56 9.02 2.84
C THR A 366 -23.06 9.98 1.78
N ALA A 367 -23.75 10.11 0.64
CA ALA A 367 -23.41 11.18 -0.28
C ALA A 367 -24.11 12.48 0.06
N LEU A 368 -25.37 12.39 0.50
CA LEU A 368 -26.09 13.60 0.89
C LEU A 368 -25.63 14.10 2.26
N SER A 369 -25.44 13.18 3.21
CA SER A 369 -25.01 13.57 4.55
C SER A 369 -23.69 14.32 4.52
N ASP A 370 -22.73 13.81 3.76
CA ASP A 370 -21.38 14.38 3.72
C ASP A 370 -21.30 15.65 2.89
N GLU A 371 -22.38 16.06 2.23
CA GLU A 371 -22.40 17.30 1.48
C GLU A 371 -23.27 18.37 2.13
N PHE A 372 -24.39 18.00 2.75
CA PHE A 372 -25.24 18.93 3.45
C PHE A 372 -25.21 18.57 4.93
N PRO A 373 -24.88 19.51 5.82
CA PRO A 373 -24.79 19.15 7.25
C PRO A 373 -26.15 18.99 7.91
N LYS A 374 -27.18 19.66 7.40
CA LYS A 374 -28.51 19.52 7.96
C LYS A 374 -29.03 18.09 7.83
N ILE A 375 -28.84 17.48 6.66
CA ILE A 375 -29.38 16.14 6.44
C ILE A 375 -28.59 15.11 7.24
N LYS A 376 -27.28 15.28 7.35
CA LYS A 376 -26.47 14.43 8.21
C LYS A 376 -26.93 14.53 9.67
N ARG A 377 -27.49 15.67 10.06
CA ARG A 377 -27.91 15.87 11.44
C ARG A 377 -29.06 14.94 11.81
N ASN A 378 -30.06 14.83 10.95
CA ASN A 378 -31.21 13.96 11.23
C ASN A 378 -31.28 12.79 10.27
N ARG A 379 -30.23 11.96 10.26
CA ARG A 379 -30.20 10.80 9.37
C ARG A 379 -31.38 9.87 9.61
N GLU A 380 -31.73 9.65 10.89
CA GLU A 380 -32.79 8.70 11.22
C GLU A 380 -34.12 9.12 10.64
N LEU A 381 -34.38 10.42 10.55
CA LEU A 381 -35.63 10.92 9.98
C LEU A 381 -35.50 11.34 8.52
N PHE A 382 -34.29 11.40 7.97
CA PHE A 382 -34.19 11.56 6.52
C PHE A 382 -34.35 10.21 5.82
N VAL A 383 -33.75 9.16 6.38
CA VAL A 383 -33.97 7.81 5.85
C VAL A 383 -35.42 7.37 6.07
N ALA A 384 -36.20 8.13 6.85
CA ALA A 384 -37.65 7.98 6.84
C ALA A 384 -38.28 8.73 5.67
N GLY A 385 -37.67 9.83 5.26
CA GLY A 385 -38.20 10.63 4.17
C GLY A 385 -38.25 9.88 2.87
N LEU A 386 -37.07 9.56 2.32
CA LEU A 386 -37.03 8.93 1.00
C LEU A 386 -37.61 7.52 1.00
N PHE A 387 -37.67 6.85 2.15
CA PHE A 387 -38.35 5.57 2.21
C PHE A 387 -39.86 5.70 2.17
N SER A 388 -40.39 6.91 2.11
CA SER A 388 -41.79 7.15 1.81
C SER A 388 -42.01 7.49 0.34
N LEU A 389 -41.09 8.23 -0.27
CA LEU A 389 -41.18 8.49 -1.70
C LEU A 389 -40.98 7.20 -2.49
N TYR A 390 -40.11 6.31 -2.01
CA TYR A 390 -39.95 5.02 -2.67
C TYR A 390 -41.22 4.18 -2.58
N PHE A 391 -41.96 4.30 -1.48
CA PHE A 391 -43.15 3.49 -1.30
C PHE A 391 -44.37 4.08 -2.01
N VAL A 392 -44.47 5.40 -2.10
CA VAL A 392 -45.64 6.02 -2.71
C VAL A 392 -45.60 5.86 -4.23
N VAL A 393 -44.47 6.19 -4.86
CA VAL A 393 -44.33 5.86 -6.26
C VAL A 393 -44.28 4.35 -6.45
N GLY A 394 -44.04 3.62 -5.36
CA GLY A 394 -43.91 2.18 -5.37
C GLY A 394 -45.21 1.39 -5.38
N LEU A 395 -46.35 2.02 -5.06
CA LEU A 395 -47.61 1.32 -5.29
C LEU A 395 -47.98 1.27 -6.76
N ALA A 396 -47.35 2.09 -7.60
CA ALA A 396 -47.56 1.97 -9.04
C ALA A 396 -47.17 0.57 -9.53
N SER A 397 -46.03 0.07 -9.06
CA SER A 397 -45.62 -1.30 -9.37
C SER A 397 -46.47 -2.34 -8.66
N CYS A 398 -47.40 -1.91 -7.80
CA CYS A 398 -48.30 -2.82 -7.12
C CYS A 398 -49.70 -2.82 -7.71
N THR A 399 -49.96 -2.03 -8.74
CA THR A 399 -51.24 -2.14 -9.41
C THR A 399 -51.29 -3.42 -10.25
N GLN A 400 -52.47 -3.70 -10.82
CA GLN A 400 -52.59 -4.86 -11.70
C GLN A 400 -51.68 -4.73 -12.91
N GLY A 401 -51.41 -3.49 -13.35
CA GLY A 401 -50.48 -3.26 -14.44
C GLY A 401 -49.08 -2.96 -13.96
N GLY A 402 -48.77 -3.35 -12.72
CA GLY A 402 -47.48 -3.02 -12.14
C GLY A 402 -46.29 -3.52 -12.93
N PHE A 403 -46.42 -4.69 -13.57
CA PHE A 403 -45.29 -5.21 -14.33
C PHE A 403 -44.98 -4.34 -15.53
N TYR A 404 -46.00 -3.76 -16.17
CA TYR A 404 -45.73 -2.83 -17.26
C TYR A 404 -44.96 -1.61 -16.77
N PHE A 405 -45.19 -1.20 -15.52
CA PHE A 405 -44.42 -0.12 -14.93
C PHE A 405 -42.99 -0.56 -14.62
N PHE A 406 -42.84 -1.75 -14.02
CA PHE A 406 -41.52 -2.26 -13.70
C PHE A 406 -40.67 -2.42 -14.95
N HIS A 407 -41.28 -2.86 -16.05
CA HIS A 407 -40.51 -3.15 -17.26
C HIS A 407 -40.00 -1.87 -17.92
N LEU A 408 -40.83 -0.82 -17.92
CA LEU A 408 -40.43 0.45 -18.51
C LEU A 408 -39.21 1.02 -17.79
N LEU A 409 -39.24 1.03 -16.46
CA LEU A 409 -38.11 1.52 -15.68
C LEU A 409 -36.89 0.60 -15.80
N ASP A 410 -37.10 -0.68 -16.13
CA ASP A 410 -35.99 -1.62 -16.21
C ASP A 410 -35.12 -1.35 -17.43
N ARG A 411 -35.72 -0.99 -18.56
CA ARG A 411 -35.00 -0.77 -19.80
C ARG A 411 -34.52 0.67 -19.97
N TYR A 412 -34.80 1.55 -19.01
CA TYR A 412 -34.61 2.98 -19.26
C TYR A 412 -33.97 3.71 -18.09
N ALA A 413 -34.52 3.54 -16.89
CA ALA A 413 -34.22 4.42 -15.77
C ALA A 413 -32.72 4.48 -15.48
N ALA A 414 -32.06 3.34 -15.45
CA ALA A 414 -30.67 3.29 -14.99
C ALA A 414 -29.72 2.57 -15.93
N GLY A 415 -30.20 1.70 -16.83
CA GLY A 415 -29.30 0.89 -17.63
C GLY A 415 -28.37 1.73 -18.50
N TYR A 416 -28.95 2.63 -19.30
CA TYR A 416 -28.14 3.49 -20.16
C TYR A 416 -27.46 4.60 -19.36
N SER A 417 -28.09 5.04 -18.27
CA SER A 417 -27.55 6.14 -17.48
C SER A 417 -26.17 5.82 -16.94
N ILE A 418 -26.08 4.79 -16.08
CA ILE A 418 -24.86 4.54 -15.31
C ILE A 418 -23.68 4.25 -16.23
N LEU A 419 -23.93 3.71 -17.42
CA LEU A 419 -22.84 3.36 -18.32
C LEU A 419 -22.05 4.58 -18.74
N VAL A 420 -22.73 5.68 -19.08
CA VAL A 420 -22.02 6.90 -19.44
C VAL A 420 -21.66 7.70 -18.19
N ALA A 421 -22.42 7.54 -17.10
CA ALA A 421 -22.03 8.16 -15.84
C ALA A 421 -20.75 7.56 -15.29
N VAL A 422 -20.37 6.36 -15.74
CA VAL A 422 -19.16 5.70 -15.28
C VAL A 422 -18.05 5.94 -16.31
N PHE A 423 -18.42 6.01 -17.60
CA PHE A 423 -17.43 6.38 -18.60
C PHE A 423 -16.82 7.73 -18.26
N PHE A 424 -17.62 8.68 -17.81
CA PHE A 424 -17.07 9.93 -17.34
C PHE A 424 -16.35 9.74 -16.01
N GLU A 425 -16.87 8.88 -15.14
CA GLU A 425 -16.14 8.50 -13.93
C GLU A 425 -14.77 7.95 -14.28
N ALA A 426 -14.68 7.18 -15.36
CA ALA A 426 -13.42 6.53 -15.72
C ALA A 426 -12.37 7.55 -16.13
N ILE A 427 -12.63 8.31 -17.20
CA ILE A 427 -11.62 9.23 -17.71
C ILE A 427 -11.45 10.46 -16.84
N ALA A 428 -12.37 10.73 -15.92
CA ALA A 428 -12.16 11.81 -14.95
C ALA A 428 -10.99 11.50 -14.04
N VAL A 429 -11.03 10.35 -13.36
CA VAL A 429 -9.98 9.96 -12.45
C VAL A 429 -8.71 9.53 -13.18
N SER A 430 -8.80 9.16 -14.46
CA SER A 430 -7.68 8.57 -15.17
C SER A 430 -6.92 9.56 -16.04
N TRP A 431 -7.56 10.64 -16.48
CA TRP A 431 -6.87 11.64 -17.30
C TRP A 431 -6.91 13.04 -16.71
N ILE A 432 -8.05 13.48 -16.17
CA ILE A 432 -8.09 14.77 -15.51
C ILE A 432 -7.30 14.72 -14.21
N TYR A 433 -7.72 13.85 -13.28
CA TYR A 433 -6.99 13.68 -12.03
C TYR A 433 -5.65 12.99 -12.27
N GLY A 434 -5.63 11.98 -13.13
CA GLY A 434 -4.40 11.31 -13.52
C GLY A 434 -4.08 10.06 -12.73
N THR A 435 -3.49 9.06 -13.40
CA THR A 435 -2.97 7.90 -12.70
C THR A 435 -1.71 8.25 -11.92
N ASN A 436 -0.99 9.30 -12.32
CA ASN A 436 0.13 9.82 -11.53
C ASN A 436 -0.31 10.09 -10.10
N ARG A 437 -1.34 10.92 -9.94
CA ARG A 437 -1.82 11.24 -8.60
C ARG A 437 -2.50 10.04 -7.94
N PHE A 438 -3.17 9.20 -8.73
CA PHE A 438 -3.93 8.10 -8.14
C PHE A 438 -3.01 7.01 -7.60
N SER A 439 -1.94 6.68 -8.34
CA SER A 439 -0.94 5.76 -7.80
C SER A 439 -0.34 6.31 -6.52
N GLU A 440 -0.05 7.62 -6.49
CA GLU A 440 0.44 8.26 -5.28
C GLU A 440 -0.54 8.07 -4.12
N ASP A 441 -1.83 8.09 -4.42
CA ASP A 441 -2.84 8.08 -3.36
C ASP A 441 -2.89 6.74 -2.64
N ILE A 442 -2.88 5.64 -3.39
CA ILE A 442 -3.01 4.34 -2.74
C ILE A 442 -1.67 3.81 -2.23
N ARG A 443 -0.55 4.26 -2.79
CA ARG A 443 0.73 3.99 -2.15
C ARG A 443 0.76 4.59 -0.75
N ASP A 444 0.13 5.74 -0.57
CA ASP A 444 0.11 6.36 0.75
C ASP A 444 -0.80 5.60 1.71
N MET A 445 -1.83 4.92 1.19
CA MET A 445 -2.70 4.12 2.06
C MET A 445 -2.09 2.76 2.33
N ILE A 446 -2.01 1.92 1.30
CA ILE A 446 -1.63 0.52 1.49
C ILE A 446 -0.13 0.29 1.49
N GLY A 447 0.67 1.25 1.02
CA GLY A 447 2.11 1.18 1.13
C GLY A 447 2.84 0.93 -0.18
N PHE A 448 2.14 0.62 -1.26
CA PHE A 448 2.80 0.32 -2.52
C PHE A 448 1.96 0.85 -3.66
N PRO A 449 2.59 1.29 -4.76
CA PRO A 449 1.81 1.75 -5.90
C PRO A 449 1.16 0.57 -6.60
N PRO A 450 0.01 0.78 -7.22
CA PRO A 450 -0.55 -0.28 -8.06
C PRO A 450 0.34 -0.51 -9.27
N GLY A 451 0.46 -1.77 -9.66
CA GLY A 451 1.33 -2.11 -10.77
C GLY A 451 0.96 -1.34 -12.04
N ARG A 452 1.89 -1.34 -12.98
CA ARG A 452 1.60 -0.75 -14.29
C ARG A 452 0.40 -1.40 -14.94
N TYR A 453 0.10 -2.66 -14.59
CA TYR A 453 -1.06 -3.34 -15.16
C TYR A 453 -2.36 -2.62 -14.81
N TRP A 454 -2.51 -2.18 -13.56
CA TRP A 454 -3.77 -1.56 -13.16
C TRP A 454 -3.97 -0.22 -13.83
N GLN A 455 -2.89 0.54 -14.04
CA GLN A 455 -3.05 1.87 -14.62
C GLN A 455 -3.23 1.82 -16.13
N VAL A 456 -2.62 0.86 -16.82
CA VAL A 456 -2.94 0.73 -18.24
C VAL A 456 -4.37 0.21 -18.40
N CYS A 457 -4.83 -0.61 -17.45
CA CYS A 457 -6.23 -1.03 -17.46
C CYS A 457 -7.16 0.13 -17.12
N TRP A 458 -6.76 0.99 -16.17
CA TRP A 458 -7.58 2.12 -15.81
C TRP A 458 -7.60 3.19 -16.90
N ARG A 459 -6.55 3.27 -17.70
CA ARG A 459 -6.36 4.35 -18.66
C ARG A 459 -6.83 4.00 -20.07
N PHE A 460 -6.64 2.76 -20.51
CA PHE A 460 -6.93 2.37 -21.88
C PHE A 460 -8.11 1.41 -21.98
N VAL A 461 -8.06 0.25 -21.31
CA VAL A 461 -9.12 -0.74 -21.51
C VAL A 461 -10.39 -0.39 -20.76
N ALA A 462 -10.34 0.50 -19.77
CA ALA A 462 -11.55 0.84 -19.02
C ALA A 462 -12.55 1.60 -19.89
N PRO A 463 -12.20 2.70 -20.58
CA PRO A 463 -13.21 3.37 -21.41
C PRO A 463 -13.59 2.59 -22.64
N ILE A 464 -12.68 1.77 -23.18
CA ILE A 464 -13.02 0.97 -24.36
C ILE A 464 -14.03 -0.11 -24.00
N PHE A 465 -13.70 -0.92 -22.99
CA PHE A 465 -14.63 -1.91 -22.45
C PHE A 465 -15.96 -1.27 -22.06
N LEU A 466 -15.93 0.00 -21.64
CA LEU A 466 -17.18 0.70 -21.36
C LEU A 466 -17.92 1.04 -22.64
N LEU A 467 -17.22 1.59 -23.63
CA LEU A 467 -17.83 1.83 -24.93
C LEU A 467 -18.26 0.52 -25.58
N PHE A 468 -17.43 -0.51 -25.45
CA PHE A 468 -17.76 -1.82 -26.00
C PHE A 468 -19.08 -2.34 -25.45
N ILE A 469 -19.39 -2.02 -24.19
CA ILE A 469 -20.68 -2.40 -23.62
C ILE A 469 -21.78 -1.49 -24.15
N THR A 470 -21.55 -0.17 -24.11
CA THR A 470 -22.59 0.78 -24.48
C THR A 470 -23.00 0.61 -25.93
N VAL A 471 -22.03 0.46 -26.83
CA VAL A 471 -22.34 0.18 -28.23
C VAL A 471 -23.23 -1.05 -28.33
N TYR A 472 -22.75 -2.17 -27.79
CA TYR A 472 -23.52 -3.42 -27.80
C TYR A 472 -24.92 -3.22 -27.23
N LEU A 473 -25.04 -2.47 -26.13
CA LEU A 473 -26.34 -2.28 -25.51
C LEU A 473 -27.25 -1.39 -26.35
N LEU A 474 -26.70 -0.63 -27.29
CA LEU A 474 -27.49 0.26 -28.12
C LEU A 474 -27.96 -0.41 -29.40
N ILE A 475 -27.07 -1.13 -30.10
CA ILE A 475 -27.48 -1.83 -31.32
C ILE A 475 -28.52 -2.91 -31.05
N GLY A 476 -28.76 -3.24 -29.78
CA GLY A 476 -29.85 -4.12 -29.44
C GLY A 476 -31.04 -3.36 -28.90
N TYR A 477 -31.27 -2.15 -29.41
CA TYR A 477 -32.41 -1.33 -28.98
C TYR A 477 -33.50 -1.39 -30.04
N GLU A 478 -34.60 -2.03 -29.70
CA GLU A 478 -35.86 -1.85 -30.38
C GLU A 478 -36.78 -1.03 -29.48
N PRO A 479 -37.77 -0.31 -30.04
CA PRO A 479 -38.73 0.39 -29.18
C PRO A 479 -39.40 -0.58 -28.22
N LEU A 480 -39.78 -0.07 -27.05
CA LEU A 480 -40.03 -0.94 -25.91
C LEU A 480 -41.34 -1.70 -26.09
N THR A 481 -41.26 -3.02 -25.95
CA THR A 481 -42.41 -3.91 -26.11
C THR A 481 -42.34 -4.99 -25.03
N TYR A 482 -43.45 -5.69 -24.85
CA TYR A 482 -43.48 -6.85 -23.97
C TYR A 482 -44.62 -7.76 -24.41
N ALA A 483 -44.30 -9.00 -24.75
CA ALA A 483 -45.26 -9.93 -25.34
C ALA A 483 -45.93 -9.27 -26.54
N ASP A 484 -47.25 -9.41 -26.65
CA ASP A 484 -47.97 -8.76 -27.74
C ASP A 484 -48.15 -7.27 -27.52
N TYR A 485 -47.76 -6.75 -26.36
CA TYR A 485 -48.01 -5.36 -26.02
C TYR A 485 -46.83 -4.50 -26.48
N VAL A 486 -47.11 -3.57 -27.38
CA VAL A 486 -46.14 -2.55 -27.79
C VAL A 486 -46.49 -1.25 -27.07
N TYR A 487 -45.51 -0.68 -26.39
CA TYR A 487 -45.74 0.51 -25.59
C TYR A 487 -46.05 1.71 -26.51
N PRO A 488 -46.79 2.69 -26.01
CA PRO A 488 -47.03 3.90 -26.80
C PRO A 488 -45.74 4.67 -27.02
N SER A 489 -45.74 5.51 -28.06
CA SER A 489 -44.57 6.30 -28.39
C SER A 489 -44.14 7.20 -27.23
N TRP A 490 -45.11 7.76 -26.51
CA TRP A 490 -44.78 8.69 -25.44
C TRP A 490 -44.11 7.99 -24.25
N ALA A 491 -44.37 6.69 -24.07
CA ALA A 491 -43.76 5.98 -22.97
C ALA A 491 -42.28 5.73 -23.22
N ASN A 492 -41.92 5.43 -24.48
CA ASN A 492 -40.51 5.35 -24.83
C ASN A 492 -39.80 6.67 -24.56
N ALA A 493 -40.51 7.79 -24.76
CA ALA A 493 -39.89 9.10 -24.58
C ALA A 493 -39.69 9.43 -23.10
N LEU A 494 -40.73 9.26 -22.28
CA LEU A 494 -40.60 9.49 -20.85
C LEU A 494 -39.49 8.62 -20.25
N GLY A 495 -39.35 7.38 -20.74
CA GLY A 495 -38.25 6.55 -20.33
C GLY A 495 -36.90 7.20 -20.62
N TRP A 496 -36.74 7.73 -21.83
CA TRP A 496 -35.53 8.47 -22.16
C TRP A 496 -35.35 9.72 -21.30
N CYS A 497 -36.43 10.25 -20.74
CA CYS A 497 -36.30 11.38 -19.82
C CYS A 497 -35.72 10.95 -18.49
N ILE A 498 -36.20 9.82 -17.95
CA ILE A 498 -35.64 9.28 -16.72
C ILE A 498 -34.19 8.87 -16.92
N ALA A 499 -33.85 8.42 -18.14
CA ALA A 499 -32.46 8.08 -18.44
C ALA A 499 -31.59 9.33 -18.50
N GLY A 500 -32.07 10.37 -19.17
CA GLY A 500 -31.28 11.59 -19.31
C GLY A 500 -31.26 12.45 -18.07
N SER A 501 -32.32 12.41 -17.26
CA SER A 501 -32.43 13.32 -16.13
C SER A 501 -31.28 13.15 -15.15
N SER A 502 -30.81 11.92 -14.97
CA SER A 502 -29.68 11.70 -14.07
C SER A 502 -28.38 12.20 -14.68
N VAL A 503 -28.07 11.74 -15.89
CA VAL A 503 -26.78 12.06 -16.51
C VAL A 503 -26.75 13.43 -17.16
N VAL A 504 -27.89 14.13 -17.23
CA VAL A 504 -27.85 15.50 -17.76
C VAL A 504 -27.03 16.38 -16.84
N MET A 505 -26.97 16.06 -15.55
CA MET A 505 -26.18 16.88 -14.63
C MET A 505 -24.69 16.67 -14.77
N ILE A 506 -24.20 15.94 -15.77
CA ILE A 506 -22.76 15.89 -16.01
C ILE A 506 -22.36 17.22 -16.63
N PRO A 507 -22.98 17.61 -17.75
CA PRO A 507 -22.52 18.89 -18.27
C PRO A 507 -23.22 20.04 -17.61
N ALA A 508 -24.36 19.80 -16.98
CA ALA A 508 -25.03 20.86 -16.27
C ALA A 508 -24.10 21.44 -15.23
N VAL A 509 -23.86 20.69 -14.17
CA VAL A 509 -23.03 21.20 -13.10
C VAL A 509 -21.78 21.76 -13.72
N ALA A 510 -21.25 21.07 -14.71
CA ALA A 510 -20.10 21.59 -15.38
C ALA A 510 -20.39 22.98 -15.82
N ILE A 511 -21.39 23.15 -16.67
CA ILE A 511 -21.64 24.49 -17.20
C ILE A 511 -22.01 25.45 -16.09
N PHE A 512 -22.85 25.02 -15.14
CA PHE A 512 -23.16 25.87 -14.00
C PHE A 512 -21.89 26.17 -13.20
N LYS A 513 -21.24 25.13 -12.67
CA LYS A 513 -20.09 25.35 -11.79
C LYS A 513 -18.86 25.76 -12.59
N LEU A 514 -19.06 26.28 -13.80
CA LEU A 514 -17.93 26.78 -14.55
C LEU A 514 -17.98 28.28 -14.49
N LEU A 515 -19.07 28.83 -15.02
CA LEU A 515 -19.23 30.27 -15.01
C LEU A 515 -19.33 30.80 -13.59
N SER A 516 -19.85 29.99 -12.68
CA SER A 516 -20.05 30.41 -11.30
C SER A 516 -18.73 30.80 -10.63
N THR A 517 -17.60 30.20 -11.06
CA THR A 517 -16.30 30.60 -10.56
C THR A 517 -15.73 31.72 -11.42
N PRO A 518 -14.85 32.58 -10.85
CA PRO A 518 -14.35 33.73 -11.62
C PRO A 518 -13.15 33.40 -12.48
N GLY A 519 -12.62 34.41 -13.18
CA GLY A 519 -11.43 34.24 -14.01
C GLY A 519 -11.77 34.17 -15.49
N SER A 520 -10.73 33.93 -16.28
CA SER A 520 -10.89 33.75 -17.71
C SER A 520 -11.09 32.25 -17.93
N LEU A 521 -11.08 31.81 -19.19
CA LEU A 521 -11.45 30.43 -19.54
C LEU A 521 -10.40 29.39 -19.11
N ARG A 522 -9.21 29.47 -19.70
CA ARG A 522 -8.11 28.59 -19.30
C ARG A 522 -7.74 28.80 -17.83
N GLN A 523 -7.59 30.06 -17.41
CA GLN A 523 -7.29 30.38 -16.01
C GLN A 523 -8.39 29.88 -15.05
N ARG A 524 -9.52 29.42 -15.59
CA ARG A 524 -10.57 28.83 -14.76
C ARG A 524 -10.72 27.32 -14.95
N PHE A 525 -10.34 26.81 -16.13
CA PHE A 525 -10.36 25.37 -16.35
C PHE A 525 -9.43 24.65 -15.38
N THR A 526 -8.31 25.30 -15.01
CA THR A 526 -7.42 24.73 -14.01
C THR A 526 -7.95 24.85 -12.59
N ILE A 527 -8.76 25.87 -12.29
CA ILE A 527 -9.42 25.95 -10.97
C ILE A 527 -10.39 24.79 -10.76
N LEU A 528 -11.06 24.36 -11.82
CA LEU A 528 -11.91 23.18 -11.77
C LEU A 528 -11.16 21.91 -12.11
N THR A 529 -9.86 22.01 -12.40
CA THR A 529 -9.00 20.84 -12.57
C THR A 529 -8.11 20.59 -11.36
N THR A 530 -7.79 21.64 -10.60
CA THR A 530 -7.00 21.48 -9.38
C THR A 530 -7.82 20.75 -8.33
N PRO A 531 -7.35 19.59 -7.83
CA PRO A 531 -8.13 18.85 -6.84
C PRO A 531 -8.09 19.52 -5.47
N TRP A 532 -9.03 19.09 -4.62
CA TRP A 532 -9.13 19.65 -3.27
C TRP A 532 -7.87 19.40 -2.45
N ARG A 533 -7.23 18.24 -2.64
CA ARG A 533 -5.99 17.96 -1.93
C ARG A 533 -4.87 18.88 -2.42
N ASP A 534 -4.76 19.04 -3.74
CA ASP A 534 -3.76 19.93 -4.32
C ASP A 534 -4.01 21.40 -4.02
N GLN A 535 -5.09 21.73 -3.30
CA GLN A 535 -5.38 23.11 -2.93
C GLN A 535 -4.86 23.47 -1.55
N GLN A 536 -4.66 22.51 -0.67
CA GLN A 536 -4.14 22.78 0.67
C GLN A 536 -2.69 22.29 0.79
N GLU B 1 6.96 6.86 19.04
CA GLU B 1 8.01 6.33 18.17
C GLU B 1 8.46 4.94 18.64
N ASN B 2 8.57 4.02 17.69
CA ASN B 2 8.84 2.61 17.97
C ASN B 2 10.35 2.38 17.93
N VAL B 3 10.95 2.19 19.11
CA VAL B 3 12.40 2.05 19.21
C VAL B 3 12.77 0.59 18.98
N LEU B 4 13.73 0.36 18.08
CA LEU B 4 14.22 -0.98 17.76
C LEU B 4 15.65 -1.08 18.27
N THR B 5 15.85 -1.85 19.32
CA THR B 5 17.19 -2.08 19.86
C THR B 5 17.68 -3.44 19.41
N GLN B 6 18.92 -3.50 18.95
CA GLN B 6 19.53 -4.71 18.42
C GLN B 6 20.57 -5.24 19.41
N SER B 7 20.84 -6.54 19.28
CA SER B 7 21.77 -7.23 20.15
C SER B 7 22.33 -8.42 19.40
N PRO B 8 23.65 -8.67 19.49
CA PRO B 8 24.57 -7.86 20.28
C PRO B 8 25.01 -6.59 19.55
N ALA B 9 25.48 -5.58 20.26
CA ALA B 9 26.02 -4.40 19.60
C ALA B 9 27.24 -4.76 18.76
N ILE B 10 28.20 -5.47 19.36
CA ILE B 10 29.37 -5.96 18.66
C ILE B 10 29.36 -7.48 18.75
N MET B 11 29.41 -8.14 17.60
CA MET B 11 29.43 -9.60 17.56
C MET B 11 30.75 -10.03 16.94
N SER B 12 31.58 -10.71 17.72
CA SER B 12 32.86 -11.20 17.27
C SER B 12 32.71 -12.65 16.86
N THR B 13 33.06 -12.97 15.61
CA THR B 13 32.78 -14.28 15.04
C THR B 13 33.95 -14.69 14.15
N SER B 14 33.86 -15.91 13.64
CA SER B 14 34.89 -16.52 12.81
C SER B 14 34.29 -16.92 11.46
N PRO B 15 35.04 -16.76 10.37
CA PRO B 15 34.51 -17.21 9.07
C PRO B 15 34.27 -18.71 9.08
N GLY B 16 33.01 -19.09 9.25
CA GLY B 16 32.63 -20.48 9.40
C GLY B 16 31.55 -20.64 10.46
N GLU B 17 31.56 -19.76 11.45
CA GLU B 17 30.56 -19.79 12.51
C GLU B 17 29.17 -19.57 11.94
N LYS B 18 28.16 -19.91 12.76
CA LYS B 18 26.76 -19.66 12.42
C LYS B 18 26.23 -18.68 13.47
N VAL B 19 25.88 -17.48 13.02
CA VAL B 19 25.56 -16.38 13.92
C VAL B 19 24.11 -15.96 13.74
N THR B 20 23.61 -15.27 14.76
CA THR B 20 22.24 -14.75 14.75
C THR B 20 22.20 -13.48 15.57
N MET B 21 21.84 -12.37 14.93
CA MET B 21 21.57 -11.12 15.62
C MET B 21 20.06 -10.90 15.67
N THR B 22 19.59 -10.34 16.78
CA THR B 22 18.16 -10.09 16.96
C THR B 22 17.85 -8.59 16.94
N CYS B 23 16.56 -8.28 16.78
CA CYS B 23 16.07 -6.91 16.69
C CYS B 23 14.73 -6.86 17.42
N ARG B 24 14.72 -6.25 18.60
CA ARG B 24 13.54 -6.20 19.44
C ARG B 24 12.89 -4.82 19.32
N ALA B 25 11.60 -4.81 18.98
CA ALA B 25 10.85 -3.58 18.74
C ALA B 25 10.00 -3.24 19.95
N SER B 26 10.07 -1.97 20.38
CA SER B 26 9.28 -1.54 21.53
C SER B 26 7.80 -1.72 21.29
N SER B 27 7.37 -1.62 20.03
CA SER B 27 5.98 -1.79 19.65
C SER B 27 5.92 -2.70 18.42
N SER B 28 4.80 -3.40 18.27
CA SER B 28 4.70 -4.45 17.27
C SER B 28 4.80 -3.88 15.86
N VAL B 29 5.38 -4.69 14.97
CA VAL B 29 5.67 -4.30 13.60
C VAL B 29 5.16 -5.40 12.68
N GLY B 30 4.57 -5.01 11.55
CA GLY B 30 4.13 -5.99 10.57
C GLY B 30 5.29 -6.60 9.80
N SER B 31 5.17 -7.89 9.50
CA SER B 31 6.24 -8.61 8.84
C SER B 31 6.55 -8.07 7.45
N SER B 32 5.58 -7.41 6.81
CA SER B 32 5.85 -6.82 5.52
C SER B 32 6.76 -5.61 5.59
N TYR B 33 6.91 -5.01 6.78
CA TYR B 33 7.55 -3.71 6.92
C TYR B 33 8.90 -3.74 7.61
N LEU B 34 9.33 -4.88 8.16
CA LEU B 34 10.65 -4.94 8.78
C LEU B 34 11.68 -5.34 7.75
N HIS B 35 12.79 -4.61 7.72
CA HIS B 35 13.83 -4.80 6.73
C HIS B 35 15.19 -4.81 7.40
N TRP B 36 16.21 -5.12 6.62
CA TRP B 36 17.57 -5.24 7.13
C TRP B 36 18.53 -4.62 6.13
N TYR B 37 19.54 -3.94 6.65
CA TYR B 37 20.54 -3.29 5.82
C TYR B 37 21.92 -3.71 6.30
N GLN B 38 22.81 -3.97 5.35
CA GLN B 38 24.21 -4.18 5.65
C GLN B 38 24.99 -2.94 5.22
N GLN B 39 25.89 -2.47 6.07
CA GLN B 39 26.72 -1.31 5.77
C GLN B 39 28.18 -1.65 6.10
N LYS B 40 28.95 -1.95 5.06
CA LYS B 40 30.39 -2.09 5.24
C LYS B 40 31.01 -0.73 5.45
N SER B 41 32.10 -0.69 6.22
CA SER B 41 32.69 0.57 6.65
C SER B 41 33.07 1.43 5.45
N GLY B 42 32.95 2.75 5.63
CA GLY B 42 33.26 3.68 4.57
C GLY B 42 32.29 3.70 3.41
N ALA B 43 31.14 3.04 3.54
CA ALA B 43 30.17 2.97 2.45
C ALA B 43 28.77 3.21 3.02
N SER B 44 27.79 3.26 2.11
CA SER B 44 26.39 3.52 2.41
C SER B 44 25.62 2.21 2.57
N PRO B 45 24.57 2.20 3.38
CA PRO B 45 23.82 0.97 3.60
C PRO B 45 23.20 0.45 2.31
N LYS B 46 23.27 -0.86 2.14
CA LYS B 46 22.58 -1.58 1.07
C LYS B 46 21.39 -2.32 1.66
N LEU B 47 20.26 -2.27 0.99
CA LEU B 47 19.14 -3.10 1.39
C LEU B 47 19.54 -4.57 1.31
N TRP B 48 19.49 -5.26 2.45
CA TRP B 48 19.90 -6.66 2.55
C TRP B 48 18.72 -7.62 2.55
N ILE B 49 17.74 -7.37 3.41
CA ILE B 49 16.58 -8.25 3.56
C ILE B 49 15.36 -7.36 3.73
N TYR B 50 14.38 -7.52 2.85
CA TYR B 50 13.12 -6.79 2.96
C TYR B 50 12.01 -7.77 3.30
N SER B 51 10.98 -7.24 3.97
CA SER B 51 9.79 -8.01 4.33
C SER B 51 10.18 -9.24 5.15
N THR B 52 10.97 -9.01 6.19
CA THR B 52 11.40 -10.01 7.17
C THR B 52 12.36 -11.05 6.60
N SER B 53 12.04 -11.62 5.43
CA SER B 53 12.79 -12.79 4.98
C SER B 53 13.20 -12.81 3.51
N ASN B 54 12.80 -11.85 2.69
CA ASN B 54 13.18 -11.86 1.28
C ASN B 54 14.52 -11.15 1.09
N LEU B 55 15.37 -11.74 0.26
CA LEU B 55 16.72 -11.23 0.04
C LEU B 55 16.75 -10.37 -1.20
N ALA B 56 17.45 -9.23 -1.11
CA ALA B 56 17.60 -8.35 -2.26
C ALA B 56 18.43 -9.03 -3.34
N SER B 57 18.64 -8.33 -4.44
CA SER B 57 19.46 -8.86 -5.52
C SER B 57 20.91 -8.96 -5.06
N GLY B 58 21.55 -10.10 -5.34
CA GLY B 58 22.95 -10.27 -5.01
C GLY B 58 23.27 -10.50 -3.56
N VAL B 59 22.27 -10.80 -2.73
CA VAL B 59 22.49 -11.17 -1.33
C VAL B 59 22.73 -12.67 -1.29
N PRO B 60 23.91 -13.12 -0.86
CA PRO B 60 24.19 -14.57 -0.80
C PRO B 60 23.11 -15.31 -0.03
N ALA B 61 22.86 -16.56 -0.46
CA ALA B 61 21.78 -17.36 0.11
C ALA B 61 22.06 -17.80 1.54
N ARG B 62 23.28 -17.62 2.03
CA ARG B 62 23.59 -17.95 3.42
C ARG B 62 22.84 -17.04 4.40
N PHE B 63 22.40 -15.87 3.95
CA PHE B 63 21.64 -14.97 4.81
C PHE B 63 20.18 -15.39 4.85
N SER B 64 19.55 -15.20 6.01
CA SER B 64 18.14 -15.49 6.19
C SER B 64 17.57 -14.57 7.25
N GLY B 65 16.26 -14.42 7.24
CA GLY B 65 15.58 -13.58 8.20
C GLY B 65 14.32 -14.23 8.69
N SER B 66 13.92 -13.87 9.92
CA SER B 66 12.75 -14.45 10.56
C SER B 66 12.32 -13.53 11.69
N GLY B 67 11.10 -13.77 12.17
CA GLY B 67 10.54 -13.06 13.29
C GLY B 67 9.10 -12.67 13.04
N SER B 68 8.50 -12.07 14.06
CA SER B 68 7.13 -11.55 13.98
C SER B 68 6.89 -10.64 15.17
N GLY B 69 5.91 -9.76 15.01
CA GLY B 69 5.52 -8.86 16.09
C GLY B 69 6.65 -8.02 16.64
N THR B 70 7.08 -8.33 17.87
CA THR B 70 8.08 -7.54 18.57
C THR B 70 9.49 -8.06 18.40
N SER B 71 9.69 -9.25 17.84
CA SER B 71 10.98 -9.90 17.82
C SER B 71 11.30 -10.39 16.41
N TYR B 72 12.48 -10.04 15.91
CA TYR B 72 12.98 -10.51 14.63
C TYR B 72 14.46 -10.83 14.77
N SER B 73 15.01 -11.48 13.74
CA SER B 73 16.42 -11.88 13.79
C SER B 73 16.94 -12.05 12.38
N LEU B 74 18.20 -11.65 12.19
CA LEU B 74 18.95 -11.94 10.97
C LEU B 74 19.93 -13.05 11.29
N THR B 75 20.01 -14.04 10.40
CA THR B 75 20.86 -15.20 10.62
C THR B 75 21.77 -15.38 9.42
N ILE B 76 23.08 -15.38 9.67
CA ILE B 76 24.04 -15.89 8.71
C ILE B 76 24.25 -17.37 9.03
N SER B 77 24.14 -18.22 8.02
CA SER B 77 24.24 -19.66 8.27
C SER B 77 25.68 -20.10 8.38
N SER B 78 26.58 -19.52 7.57
CA SER B 78 28.00 -19.83 7.66
C SER B 78 28.75 -18.55 7.28
N VAL B 79 29.27 -17.87 8.30
CA VAL B 79 29.84 -16.53 8.13
C VAL B 79 31.08 -16.62 7.23
N GLU B 80 31.16 -15.72 6.27
CA GLU B 80 32.35 -15.54 5.45
C GLU B 80 33.03 -14.24 5.83
N ALA B 81 34.32 -14.12 5.47
CA ALA B 81 35.11 -12.97 5.90
C ALA B 81 34.56 -11.65 5.37
N GLU B 82 33.77 -11.69 4.30
CA GLU B 82 33.22 -10.48 3.70
C GLU B 82 31.92 -10.04 4.36
N ASP B 83 31.44 -10.74 5.37
CA ASP B 83 30.25 -10.33 6.10
C ASP B 83 30.56 -9.40 7.26
N ALA B 84 31.83 -9.07 7.47
CA ALA B 84 32.22 -8.03 8.42
C ALA B 84 31.59 -6.71 8.00
N ALA B 85 30.59 -6.27 8.77
CA ALA B 85 29.81 -5.08 8.44
C ALA B 85 28.97 -4.75 9.67
N THR B 86 28.13 -3.73 9.51
CA THR B 86 27.13 -3.39 10.52
C THR B 86 25.76 -3.62 9.91
N TYR B 87 24.87 -4.26 10.68
CA TYR B 87 23.56 -4.64 10.20
C TYR B 87 22.50 -3.87 10.98
N TYR B 88 21.59 -3.24 10.26
CA TYR B 88 20.53 -2.42 10.84
C TYR B 88 19.19 -3.01 10.48
N CYS B 89 18.29 -3.09 11.46
CA CYS B 89 16.89 -3.33 11.18
C CYS B 89 16.17 -2.00 11.13
N GLN B 90 15.21 -1.89 10.22
CA GLN B 90 14.38 -0.69 10.09
C GLN B 90 12.94 -1.12 9.92
N GLN B 91 12.03 -0.39 10.56
CA GLN B 91 10.59 -0.63 10.40
C GLN B 91 10.03 0.43 9.46
N PHE B 92 9.14 0.00 8.58
CA PHE B 92 8.45 0.86 7.63
C PHE B 92 6.95 0.88 7.89
N SER B 93 6.53 0.50 9.09
CA SER B 93 5.11 0.30 9.40
C SER B 93 4.45 1.52 10.03
N GLY B 94 5.20 2.54 10.42
CA GLY B 94 4.62 3.71 11.02
C GLY B 94 5.62 4.85 11.05
N TYR B 95 5.10 6.06 11.20
CA TYR B 95 5.99 7.19 11.27
C TYR B 95 6.10 7.69 12.70
N PRO B 96 7.32 8.04 13.16
CA PRO B 96 8.53 8.14 12.34
C PRO B 96 9.16 6.79 12.00
N LEU B 97 9.67 6.67 10.78
CA LEU B 97 10.49 5.53 10.42
C LEU B 97 11.69 5.46 11.35
N THR B 98 11.99 4.27 11.84
CA THR B 98 13.06 4.09 12.81
C THR B 98 13.99 2.97 12.36
N PHE B 99 15.27 3.15 12.64
CA PHE B 99 16.28 2.14 12.41
C PHE B 99 16.69 1.52 13.74
N GLY B 100 17.46 0.44 13.65
CA GLY B 100 17.91 -0.25 14.83
C GLY B 100 19.22 0.29 15.38
N SER B 101 19.56 -0.17 16.58
CA SER B 101 20.83 0.22 17.20
C SER B 101 22.03 -0.25 16.40
N GLY B 102 21.88 -1.31 15.61
CA GLY B 102 22.99 -1.83 14.84
C GLY B 102 23.69 -3.01 15.50
N THR B 103 24.10 -3.98 14.68
CA THR B 103 24.98 -5.07 15.12
C THR B 103 26.19 -5.08 14.20
N LYS B 104 27.38 -4.92 14.77
CA LYS B 104 28.62 -4.88 14.01
C LYS B 104 29.30 -6.24 14.03
N LEU B 105 29.63 -6.76 12.85
CA LEU B 105 30.28 -8.07 12.71
C LEU B 105 31.79 -7.88 12.64
N GLU B 106 32.49 -8.33 13.66
CA GLU B 106 33.94 -8.33 13.67
C GLU B 106 34.47 -9.76 13.66
N MET B 107 35.62 -9.95 13.04
CA MET B 107 36.23 -11.27 12.89
C MET B 107 37.07 -11.61 14.12
N LYS B 108 36.96 -12.86 14.56
CA LYS B 108 37.87 -13.32 15.60
C LYS B 108 39.22 -13.66 14.98
N ARG B 109 40.21 -13.87 15.84
CA ARG B 109 41.59 -13.95 15.40
C ARG B 109 42.45 -14.43 16.55
N ALA B 110 43.57 -15.06 16.23
CA ALA B 110 44.51 -15.47 17.26
C ALA B 110 45.01 -14.25 18.02
N ASP B 111 45.12 -14.38 19.33
CA ASP B 111 45.54 -13.27 20.17
C ASP B 111 46.92 -12.77 19.74
N ALA B 112 47.14 -11.47 19.90
CA ALA B 112 48.39 -10.84 19.51
C ALA B 112 48.67 -9.70 20.48
N ALA B 113 49.96 -9.56 20.84
CA ALA B 113 50.38 -8.55 21.81
C ALA B 113 50.87 -7.29 21.09
N PRO B 114 50.72 -6.12 21.72
CA PRO B 114 51.10 -4.88 21.05
C PRO B 114 52.61 -4.71 20.98
N THR B 115 53.08 -4.16 19.86
CA THR B 115 54.48 -3.74 19.71
C THR B 115 54.51 -2.24 19.93
N VAL B 116 54.94 -1.82 21.11
CA VAL B 116 54.75 -0.46 21.58
C VAL B 116 55.96 0.40 21.24
N SER B 117 55.71 1.68 20.95
CA SER B 117 56.76 2.65 20.68
C SER B 117 56.44 3.94 21.42
N ILE B 118 57.48 4.62 21.91
CA ILE B 118 57.33 5.90 22.58
C ILE B 118 58.11 6.94 21.79
N PHE B 119 57.58 8.18 21.79
CA PHE B 119 58.18 9.28 21.04
C PHE B 119 58.17 10.54 21.90
N PRO B 120 59.29 11.25 22.01
CA PRO B 120 59.31 12.50 22.77
C PRO B 120 58.79 13.64 21.91
N PRO B 121 58.40 14.76 22.53
CA PRO B 121 57.98 15.91 21.73
C PRO B 121 59.09 16.35 20.78
N SER B 122 58.71 16.60 19.54
CA SER B 122 59.66 17.04 18.53
C SER B 122 60.16 18.45 18.84
N SER B 123 61.43 18.69 18.51
CA SER B 123 62.09 19.97 18.80
C SER B 123 61.24 21.17 18.38
N GLU B 124 60.36 20.99 17.41
CA GLU B 124 59.56 22.07 16.83
C GLU B 124 58.26 22.33 17.58
N GLN B 125 57.82 21.43 18.46
CA GLN B 125 56.67 21.73 19.29
C GLN B 125 57.07 22.55 20.50
N LEU B 126 58.22 22.25 21.11
CA LEU B 126 58.64 22.99 22.29
C LEU B 126 59.07 24.42 22.00
N THR B 127 59.13 24.82 20.73
CA THR B 127 59.28 26.24 20.44
C THR B 127 58.06 27.02 20.91
N SER B 128 56.87 26.42 20.78
CA SER B 128 55.68 26.93 21.41
C SER B 128 55.58 26.37 22.82
N GLY B 129 54.56 26.79 23.56
CA GLY B 129 54.43 26.43 24.96
C GLY B 129 54.01 25.00 25.25
N GLY B 130 53.94 24.13 24.24
CA GLY B 130 53.42 22.79 24.45
C GLY B 130 54.40 21.66 24.23
N ALA B 131 54.08 20.48 24.74
CA ALA B 131 54.91 19.30 24.60
C ALA B 131 54.02 18.07 24.65
N SER B 132 54.15 17.19 23.66
CA SER B 132 53.27 16.03 23.51
C SER B 132 54.10 14.78 23.34
N VAL B 133 54.07 13.91 24.33
CA VAL B 133 54.63 12.57 24.21
C VAL B 133 53.57 11.65 23.63
N VAL B 134 54.02 10.68 22.83
CA VAL B 134 53.11 9.85 22.05
C VAL B 134 53.52 8.38 22.19
N CYS B 135 52.54 7.52 22.46
CA CYS B 135 52.75 6.08 22.54
C CYS B 135 51.91 5.39 21.47
N PHE B 136 52.56 4.53 20.69
CA PHE B 136 51.88 3.72 19.68
C PHE B 136 51.82 2.27 20.15
N LEU B 137 50.66 1.65 20.00
CA LEU B 137 50.43 0.26 20.37
C LEU B 137 49.84 -0.42 19.14
N ASN B 138 50.67 -1.18 18.41
CA ASN B 138 50.34 -1.58 17.06
C ASN B 138 50.13 -3.08 16.94
N ASN B 139 49.15 -3.45 16.10
CA ASN B 139 48.89 -4.84 15.71
C ASN B 139 48.67 -5.77 16.89
N PHE B 140 47.46 -5.75 17.44
CA PHE B 140 47.11 -6.62 18.55
C PHE B 140 45.64 -7.04 18.41
N TYR B 141 45.26 -8.05 19.19
CA TYR B 141 43.90 -8.57 19.28
C TYR B 141 43.77 -9.15 20.68
N PRO B 142 42.65 -8.91 21.39
CA PRO B 142 41.47 -8.16 20.98
C PRO B 142 41.58 -6.64 21.15
N LYS B 143 40.45 -5.95 20.93
CA LYS B 143 40.46 -4.50 20.75
C LYS B 143 40.89 -3.75 22.01
N ASP B 144 40.57 -4.27 23.18
CA ASP B 144 40.68 -3.50 24.42
C ASP B 144 42.10 -3.55 24.98
N ILE B 145 42.67 -2.37 25.22
CA ILE B 145 43.95 -2.20 25.88
C ILE B 145 43.81 -1.08 26.91
N ASN B 146 44.63 -1.13 27.96
CA ASN B 146 44.76 -0.01 28.89
C ASN B 146 46.20 0.47 28.93
N VAL B 147 46.38 1.79 28.93
CA VAL B 147 47.70 2.40 29.03
C VAL B 147 47.82 3.10 30.37
N LYS B 148 49.06 3.28 30.81
CA LYS B 148 49.38 4.07 31.98
C LYS B 148 50.56 4.97 31.64
N TRP B 149 50.43 6.25 31.91
CA TRP B 149 51.51 7.18 31.65
C TRP B 149 52.05 7.55 32.99
N LYS B 150 53.34 7.42 33.16
CA LYS B 150 53.94 7.74 34.44
C LYS B 150 55.03 8.77 34.32
N ILE B 151 54.95 9.82 35.13
CA ILE B 151 56.00 10.82 35.15
C ILE B 151 56.84 10.57 36.37
N ASP B 152 58.10 10.31 36.17
CA ASP B 152 59.04 9.98 37.24
C ASP B 152 58.46 8.92 38.18
N GLY B 153 57.99 7.82 37.61
CA GLY B 153 57.48 6.73 38.41
C GLY B 153 56.09 6.98 38.94
N SER B 154 55.83 8.24 39.27
CA SER B 154 54.50 8.62 39.67
C SER B 154 53.67 8.63 38.41
N GLU B 155 52.43 8.19 38.49
CA GLU B 155 51.63 8.11 37.30
C GLU B 155 50.81 9.36 37.12
N ARG B 156 50.94 9.98 35.98
CA ARG B 156 50.16 11.17 35.65
C ARG B 156 48.97 10.74 34.82
N GLN B 157 47.76 11.13 35.25
CA GLN B 157 46.53 10.55 34.74
C GLN B 157 45.66 11.52 33.94
N ASN B 158 46.13 12.74 33.68
CA ASN B 158 45.29 13.76 33.08
C ASN B 158 45.96 14.35 31.85
N GLY B 159 45.14 14.65 30.83
CA GLY B 159 45.63 15.24 29.60
C GLY B 159 46.06 14.20 28.57
N VAL B 160 45.18 13.24 28.28
CA VAL B 160 45.51 12.11 27.42
C VAL B 160 44.46 11.98 26.33
N LEU B 161 44.89 11.65 25.11
CA LEU B 161 44.00 11.38 23.99
C LEU B 161 44.30 9.97 23.48
N ASN B 162 43.32 9.07 23.60
CA ASN B 162 43.43 7.71 23.08
C ASN B 162 42.59 7.58 21.82
N SER B 163 43.14 6.89 20.81
CA SER B 163 42.42 6.63 19.58
C SER B 163 42.71 5.21 19.09
N TRP B 164 41.65 4.46 18.82
CA TRP B 164 41.73 3.12 18.26
C TRP B 164 41.44 3.15 16.78
N THR B 165 41.99 2.17 16.07
CA THR B 165 41.60 1.93 14.69
C THR B 165 40.47 0.90 14.64
N ASP B 166 39.77 0.86 13.52
CA ASP B 166 38.88 -0.26 13.28
C ASP B 166 39.72 -1.49 12.97
N GLN B 167 39.08 -2.66 13.06
CA GLN B 167 39.76 -3.90 12.74
C GLN B 167 40.38 -3.83 11.36
N ASP B 168 41.67 -4.11 11.29
CA ASP B 168 42.37 -4.13 10.02
C ASP B 168 41.81 -5.24 9.13
N SER B 169 41.64 -4.93 7.85
CA SER B 169 41.02 -5.87 6.92
C SER B 169 41.97 -6.97 6.45
N LYS B 170 43.27 -6.84 6.68
CA LYS B 170 44.23 -7.87 6.27
C LYS B 170 44.40 -8.92 7.37
N ASP B 171 44.96 -8.51 8.51
CA ASP B 171 45.29 -9.43 9.59
C ASP B 171 44.34 -9.34 10.77
N SER B 172 43.17 -8.73 10.59
CA SER B 172 42.11 -8.69 11.60
C SER B 172 42.56 -8.06 12.91
N THR B 173 43.63 -7.28 12.90
CA THR B 173 44.20 -6.74 14.14
C THR B 173 43.69 -5.31 14.39
N TYR B 174 43.99 -4.81 15.59
CA TYR B 174 43.68 -3.45 15.99
C TYR B 174 44.97 -2.68 16.28
N SER B 175 44.82 -1.38 16.42
CA SER B 175 45.94 -0.49 16.73
C SER B 175 45.40 0.71 17.48
N MET B 176 46.21 1.24 18.38
CA MET B 176 45.77 2.29 19.29
C MET B 176 46.91 3.26 19.54
N SER B 177 46.57 4.55 19.64
CA SER B 177 47.52 5.61 19.92
C SER B 177 47.09 6.37 21.16
N SER B 178 48.07 6.78 21.97
CA SER B 178 47.82 7.53 23.20
C SER B 178 48.79 8.69 23.26
N THR B 179 48.26 9.89 23.52
CA THR B 179 49.06 11.11 23.54
C THR B 179 48.83 11.85 24.84
N LEU B 180 49.90 12.07 25.60
CA LEU B 180 49.86 12.89 26.79
C LEU B 180 50.39 14.28 26.44
N THR B 181 49.71 15.32 26.93
CA THR B 181 50.03 16.69 26.57
C THR B 181 50.27 17.50 27.83
N LEU B 182 51.48 18.02 27.97
CA LEU B 182 51.85 18.91 29.06
C LEU B 182 52.24 20.27 28.49
N THR B 183 52.24 21.28 29.37
CA THR B 183 52.92 22.52 29.02
C THR B 183 54.42 22.25 28.94
N LYS B 184 55.09 23.00 28.06
CA LYS B 184 56.54 22.88 27.97
C LYS B 184 57.19 23.16 29.32
N ASP B 185 56.58 24.03 30.13
CA ASP B 185 57.07 24.30 31.48
C ASP B 185 56.95 23.05 32.35
N GLU B 186 55.74 22.50 32.46
CA GLU B 186 55.55 21.31 33.29
C GLU B 186 56.31 20.12 32.73
N TYR B 187 56.41 20.02 31.41
CA TYR B 187 57.15 18.91 30.81
C TYR B 187 58.63 18.97 31.15
N GLU B 188 59.22 20.16 31.09
CA GLU B 188 60.67 20.29 31.19
C GLU B 188 61.19 20.26 32.61
N ARG B 189 60.32 20.15 33.62
CA ARG B 189 60.78 20.10 35.00
C ARG B 189 60.82 18.68 35.56
N HIS B 190 60.44 17.68 34.77
CA HIS B 190 60.52 16.29 35.16
C HIS B 190 61.46 15.56 34.20
N ASN B 191 61.80 14.32 34.55
CA ASN B 191 62.96 13.65 33.94
C ASN B 191 62.59 12.42 33.12
N SER B 192 62.00 11.39 33.74
CA SER B 192 61.78 10.10 33.08
C SER B 192 60.34 9.99 32.61
N TYR B 193 60.16 9.52 31.37
CA TYR B 193 58.85 9.48 30.71
C TYR B 193 58.54 8.05 30.31
N THR B 194 57.60 7.44 31.02
CA THR B 194 57.29 6.02 30.84
C THR B 194 55.88 5.85 30.28
N CYS B 195 55.72 4.81 29.45
CA CYS B 195 54.44 4.43 28.88
C CYS B 195 54.24 2.94 29.12
N GLU B 196 53.06 2.56 29.60
CA GLU B 196 52.83 1.20 30.08
C GLU B 196 51.55 0.63 29.48
N ALA B 197 51.70 -0.34 28.58
CA ALA B 197 50.56 -1.06 28.03
C ALA B 197 50.32 -2.33 28.84
N THR B 198 49.09 -2.48 29.34
CA THR B 198 48.67 -3.72 29.98
C THR B 198 47.57 -4.34 29.15
N HIS B 199 47.77 -5.59 28.76
CA HIS B 199 46.88 -6.27 27.82
C HIS B 199 46.66 -7.70 28.30
N LYS B 200 45.62 -8.32 27.74
CA LYS B 200 45.23 -9.67 28.13
C LYS B 200 46.32 -10.70 27.81
N THR B 201 47.26 -10.36 26.94
CA THR B 201 48.29 -11.29 26.48
C THR B 201 49.52 -11.34 27.38
N SER B 202 49.48 -10.73 28.56
CA SER B 202 50.64 -10.80 29.45
C SER B 202 50.21 -10.51 30.88
N THR B 203 50.81 -11.25 31.82
CA THR B 203 50.63 -10.94 33.23
C THR B 203 51.35 -9.66 33.60
N SER B 204 52.48 -9.36 32.92
CA SER B 204 53.32 -8.20 33.21
C SER B 204 53.04 -7.10 32.19
N PRO B 205 52.77 -5.88 32.64
CA PRO B 205 52.60 -4.76 31.70
C PRO B 205 53.88 -4.51 30.92
N ILE B 206 53.74 -4.35 29.61
CA ILE B 206 54.90 -4.11 28.74
C ILE B 206 55.28 -2.65 28.82
N VAL B 207 56.57 -2.39 29.02
CA VAL B 207 57.07 -1.10 29.47
C VAL B 207 58.07 -0.58 28.44
N LYS B 208 57.62 0.30 27.55
CA LYS B 208 58.51 1.03 26.66
C LYS B 208 58.56 2.48 27.11
N SER B 209 59.74 2.96 27.48
CA SER B 209 59.90 4.23 28.17
C SER B 209 61.11 4.98 27.61
N PHE B 210 61.19 6.25 27.97
CA PHE B 210 62.33 7.10 27.63
C PHE B 210 62.54 8.11 28.75
N ASN B 211 63.69 8.77 28.72
CA ASN B 211 63.99 9.89 29.60
C ASN B 211 64.55 11.04 28.76
N ARG B 212 64.27 12.27 29.17
CA ARG B 212 64.67 13.43 28.35
C ARG B 212 66.15 13.54 28.10
N ASN B 213 66.95 13.03 29.03
CA ASN B 213 68.39 13.12 28.87
C ASN B 213 68.79 12.32 27.67
N GLU B 214 70.09 12.21 27.43
CA GLU B 214 70.56 11.39 26.34
C GLU B 214 69.58 11.42 25.18
N GLU C 1 22.82 1.16 -13.08
CA GLU C 1 22.25 2.23 -13.88
C GLU C 1 21.68 3.34 -12.99
N VAL C 2 21.05 2.94 -11.89
CA VAL C 2 20.41 3.89 -10.99
C VAL C 2 21.46 4.50 -10.07
N GLN C 3 21.40 5.82 -9.89
CA GLN C 3 22.47 6.56 -9.25
C GLN C 3 21.89 7.72 -8.44
N LEU C 4 22.44 7.92 -7.25
CA LEU C 4 22.01 9.01 -6.39
C LEU C 4 23.27 9.72 -5.90
N VAL C 5 23.34 11.04 -6.06
CA VAL C 5 24.46 11.83 -5.54
C VAL C 5 23.89 13.00 -4.74
N GLU C 6 24.42 13.19 -3.54
CA GLU C 6 24.03 14.29 -2.67
C GLU C 6 25.10 15.38 -2.70
N SER C 7 24.69 16.60 -2.37
CA SER C 7 25.61 17.74 -2.40
C SER C 7 25.09 18.81 -1.46
N GLY C 8 25.72 19.98 -1.52
CA GLY C 8 25.58 20.97 -0.47
C GLY C 8 26.59 20.63 0.60
N GLY C 9 26.19 20.70 1.86
CA GLY C 9 26.97 20.11 2.93
C GLY C 9 28.26 20.81 3.29
N GLY C 10 28.54 20.90 4.57
CA GLY C 10 29.76 21.52 5.05
C GLY C 10 29.56 22.11 6.43
N LEU C 11 30.54 22.90 6.84
CA LEU C 11 30.48 23.56 8.14
C LEU C 11 29.44 24.69 8.10
N VAL C 12 28.62 24.74 9.15
CA VAL C 12 27.51 25.69 9.26
C VAL C 12 27.29 25.94 10.75
N LYS C 13 26.95 27.18 11.10
CA LYS C 13 26.85 27.54 12.51
C LYS C 13 25.45 27.25 13.05
N PRO C 14 25.34 27.01 14.36
CA PRO C 14 24.01 26.83 14.97
C PRO C 14 23.07 27.97 14.62
N GLY C 15 21.82 27.63 14.37
CA GLY C 15 20.84 28.62 13.92
C GLY C 15 20.94 28.85 12.43
N GLY C 16 22.08 28.46 11.85
CA GLY C 16 22.32 28.65 10.44
C GLY C 16 21.35 27.87 9.57
N SER C 17 21.59 27.96 8.26
CA SER C 17 20.63 27.40 7.30
C SER C 17 21.37 26.97 6.03
N LEU C 18 21.24 25.69 5.69
CA LEU C 18 21.81 25.13 4.47
C LEU C 18 20.71 24.37 3.71
N LYS C 19 21.00 24.01 2.47
CA LYS C 19 20.09 23.23 1.62
C LYS C 19 20.87 22.18 0.87
N LEU C 20 20.55 20.91 1.11
CA LEU C 20 21.14 19.82 0.33
C LEU C 20 20.26 19.47 -0.86
N SER C 21 20.84 18.70 -1.77
CA SER C 21 20.14 18.26 -2.96
C SER C 21 20.68 16.90 -3.36
N CYS C 22 19.78 16.05 -3.85
CA CYS C 22 20.13 14.75 -4.39
C CYS C 22 19.85 14.78 -5.89
N ALA C 23 20.67 14.06 -6.66
CA ALA C 23 20.56 14.06 -8.11
C ALA C 23 20.30 12.63 -8.59
N ALA C 24 19.04 12.32 -8.84
CA ALA C 24 18.66 10.98 -9.30
C ALA C 24 18.97 10.81 -10.78
N SER C 25 19.55 9.67 -11.12
CA SER C 25 19.82 9.31 -12.50
C SER C 25 19.63 7.82 -12.68
N GLY C 26 19.28 7.40 -13.89
CA GLY C 26 19.16 6.00 -14.20
C GLY C 26 17.83 5.36 -13.85
N PHE C 27 16.79 6.16 -13.61
CA PHE C 27 15.45 5.64 -13.36
C PHE C 27 14.48 6.80 -13.37
N THR C 28 13.19 6.47 -13.57
CA THR C 28 12.15 7.49 -13.61
C THR C 28 11.93 8.08 -12.22
N PHE C 29 12.72 9.09 -11.86
CA PHE C 29 12.65 9.68 -10.53
C PHE C 29 11.24 10.14 -10.17
N SER C 30 10.43 10.46 -11.17
CA SER C 30 9.11 11.05 -10.93
C SER C 30 8.15 10.08 -10.25
N SER C 31 8.40 8.77 -10.33
CA SER C 31 7.47 7.75 -9.85
C SER C 31 8.02 6.97 -8.67
N TYR C 32 8.73 7.65 -7.76
CA TYR C 32 9.36 6.98 -6.63
C TYR C 32 9.33 7.91 -5.43
N ALA C 33 8.84 7.39 -4.30
CA ALA C 33 8.97 8.12 -3.05
C ALA C 33 10.44 8.20 -2.64
N MET C 34 10.85 9.35 -2.13
CA MET C 34 12.22 9.59 -1.72
C MET C 34 12.26 9.92 -0.24
N SER C 35 13.39 9.66 0.39
CA SER C 35 13.54 9.88 1.82
C SER C 35 14.96 10.35 2.13
N TRP C 36 15.05 11.31 3.05
CA TRP C 36 16.33 11.69 3.64
C TRP C 36 16.48 10.95 4.96
N VAL C 37 17.61 10.27 5.13
CA VAL C 37 17.93 9.59 6.37
C VAL C 37 19.38 9.91 6.70
N ARG C 38 19.65 10.22 7.95
CA ARG C 38 20.97 10.70 8.35
C ARG C 38 21.62 9.73 9.34
N GLN C 39 22.94 9.75 9.35
CA GLN C 39 23.75 8.87 10.20
C GLN C 39 24.66 9.75 11.05
N SER C 40 24.42 9.77 12.36
CA SER C 40 25.27 10.53 13.27
C SER C 40 26.69 9.95 13.27
N PRO C 41 27.67 10.69 13.81
CA PRO C 41 29.03 10.14 13.90
C PRO C 41 29.12 8.90 14.78
N GLU C 42 28.19 8.72 15.71
CA GLU C 42 28.04 7.49 16.47
C GLU C 42 27.46 6.34 15.63
N LYS C 43 27.31 6.61 14.33
CA LYS C 43 26.80 5.68 13.31
C LYS C 43 25.33 5.34 13.49
N ARG C 44 24.62 6.05 14.37
CA ARG C 44 23.19 5.81 14.55
C ARG C 44 22.44 6.27 13.31
N LEU C 45 21.66 5.37 12.71
CA LEU C 45 20.84 5.71 11.57
C LEU C 45 19.53 6.31 12.05
N GLU C 46 19.17 7.47 11.51
CA GLU C 46 17.93 8.15 11.90
C GLU C 46 17.27 8.69 10.63
N TRP C 47 16.02 8.29 10.40
CA TRP C 47 15.26 8.79 9.27
C TRP C 47 14.76 10.20 9.56
N VAL C 48 14.75 11.05 8.53
CA VAL C 48 14.45 12.47 8.69
C VAL C 48 13.10 12.84 8.05
N ALA C 49 12.93 12.55 6.77
CA ALA C 49 11.73 13.00 6.07
C ALA C 49 11.53 12.16 4.82
N GLU C 50 10.26 12.06 4.39
CA GLU C 50 9.89 11.34 3.19
C GLU C 50 9.01 12.24 2.32
N ILE C 51 9.27 12.25 1.02
CA ILE C 51 8.44 12.94 0.04
C ILE C 51 7.97 11.91 -0.98
N SER C 52 6.66 11.91 -1.24
CA SER C 52 6.09 10.92 -2.15
C SER C 52 6.52 11.20 -3.59
N SER C 53 6.01 10.37 -4.50
CA SER C 53 6.48 10.42 -5.89
C SER C 53 6.17 11.75 -6.55
N GLY C 54 5.07 12.39 -6.18
CA GLY C 54 4.68 13.65 -6.78
C GLY C 54 4.64 14.80 -5.80
N GLY C 55 5.30 14.63 -4.66
CA GLY C 55 5.40 15.68 -3.65
C GLY C 55 4.14 15.93 -2.85
N ARG C 56 3.06 15.19 -3.09
CA ARG C 56 1.78 15.49 -2.47
C ARG C 56 1.59 14.78 -1.13
N TYR C 57 2.62 14.11 -0.61
CA TYR C 57 2.58 13.48 0.71
C TYR C 57 3.94 13.63 1.37
N ILE C 58 3.92 14.10 2.62
CA ILE C 58 5.14 14.51 3.31
C ILE C 58 5.07 14.03 4.76
N TYR C 59 6.14 13.40 5.24
CA TYR C 59 6.27 13.04 6.64
C TYR C 59 7.64 13.48 7.15
N TYR C 60 7.68 13.87 8.43
CA TYR C 60 8.89 14.40 9.03
C TYR C 60 9.20 13.67 10.34
N SER C 61 10.48 13.59 10.66
CA SER C 61 10.88 13.23 12.01
C SER C 61 10.44 14.34 12.97
N ASP C 62 10.01 13.94 14.17
CA ASP C 62 9.56 14.93 15.14
C ASP C 62 10.71 15.81 15.61
N THR C 63 11.87 15.20 15.84
CA THR C 63 13.06 15.96 16.22
C THR C 63 13.50 16.91 15.12
N VAL C 64 12.93 16.80 13.93
CA VAL C 64 13.32 17.63 12.80
C VAL C 64 12.17 18.47 12.26
N THR C 65 10.96 18.28 12.79
CA THR C 65 9.78 18.92 12.24
C THR C 65 9.77 20.41 12.57
N GLY C 66 9.24 21.21 11.64
CA GLY C 66 9.21 22.65 11.77
C GLY C 66 10.40 23.38 11.18
N ARG C 67 11.57 22.75 11.17
CA ARG C 67 12.79 23.40 10.70
C ARG C 67 13.25 22.93 9.33
N PHE C 68 12.95 21.69 8.94
CA PHE C 68 13.40 21.16 7.67
C PHE C 68 12.25 21.14 6.67
N THR C 69 12.61 21.16 5.38
CA THR C 69 11.63 21.11 4.31
C THR C 69 12.21 20.30 3.16
N ILE C 70 11.46 19.29 2.73
CA ILE C 70 11.88 18.38 1.68
C ILE C 70 11.09 18.70 0.41
N SER C 71 11.73 18.51 -0.75
CA SER C 71 11.12 18.92 -2.01
C SER C 71 11.71 18.09 -3.14
N ARG C 72 11.02 18.10 -4.28
CA ARG C 72 11.50 17.45 -5.50
C ARG C 72 11.46 18.43 -6.67
N ASP C 73 12.15 18.01 -7.74
CA ASP C 73 12.01 18.62 -9.07
C ASP C 73 12.06 17.42 -10.02
N ASN C 74 10.88 16.99 -10.47
CA ASN C 74 10.81 15.83 -11.36
C ASN C 74 11.19 16.16 -12.79
N ALA C 75 11.25 17.44 -13.15
CA ALA C 75 11.73 17.82 -14.48
C ALA C 75 13.24 17.59 -14.59
N ARG C 76 14.00 18.20 -13.68
CA ARG C 76 15.45 18.04 -13.67
C ARG C 76 15.92 16.86 -12.85
N ASN C 77 15.00 16.11 -12.21
CA ASN C 77 15.31 14.87 -11.49
C ASN C 77 16.23 15.14 -10.29
N ILE C 78 15.67 15.84 -9.30
CA ILE C 78 16.46 16.33 -8.18
C ILE C 78 15.59 16.36 -6.93
N LEU C 79 16.15 15.89 -5.82
CA LEU C 79 15.49 15.88 -4.52
C LEU C 79 16.19 16.86 -3.58
N HIS C 80 15.41 17.57 -2.77
CA HIS C 80 15.95 18.65 -1.95
C HIS C 80 15.59 18.47 -0.48
N LEU C 81 16.52 18.88 0.38
CA LEU C 81 16.25 19.09 1.80
C LEU C 81 16.87 20.41 2.18
N GLU C 82 16.04 21.38 2.57
CA GLU C 82 16.52 22.67 3.04
C GLU C 82 16.21 22.81 4.53
N MET C 83 17.20 23.24 5.29
CA MET C 83 17.11 23.23 6.74
C MET C 83 17.44 24.62 7.28
N SER C 84 16.71 25.01 8.32
CA SER C 84 16.95 26.22 9.07
C SER C 84 17.03 25.85 10.55
N SER C 85 17.32 26.84 11.39
CA SER C 85 17.31 26.67 12.85
C SER C 85 18.19 25.48 13.27
N LEU C 86 19.30 25.29 12.54
CA LEU C 86 20.11 24.10 12.71
C LEU C 86 20.70 23.98 14.11
N ARG C 87 20.21 23.03 14.88
CA ARG C 87 20.87 22.67 16.14
C ARG C 87 22.11 21.82 15.84
N SER C 88 22.99 21.72 16.84
CA SER C 88 24.22 20.94 16.65
C SER C 88 23.95 19.45 16.53
N GLU C 89 22.84 18.95 17.10
CA GLU C 89 22.51 17.54 17.00
C GLU C 89 22.23 17.12 15.55
N ASP C 90 22.01 18.09 14.66
CA ASP C 90 21.71 17.79 13.27
C ASP C 90 22.95 17.44 12.45
N THR C 91 24.14 17.43 13.06
CA THR C 91 25.32 17.04 12.31
C THR C 91 25.30 15.54 12.04
N ALA C 92 25.56 15.17 10.80
CA ALA C 92 25.47 13.79 10.35
C ALA C 92 25.89 13.72 8.89
N MET C 93 26.03 12.51 8.38
CA MET C 93 26.01 12.28 6.94
C MET C 93 24.55 12.18 6.50
N TYR C 94 24.21 12.89 5.43
CA TYR C 94 22.82 12.93 4.98
C TYR C 94 22.69 12.03 3.76
N TYR C 95 21.98 10.93 3.94
CA TYR C 95 21.75 9.96 2.88
C TYR C 95 20.39 10.22 2.26
N CYS C 96 20.33 10.22 0.95
CA CYS C 96 19.06 10.31 0.26
C CYS C 96 18.82 8.95 -0.37
N ALA C 97 17.63 8.41 -0.15
CA ALA C 97 17.39 6.99 -0.37
C ALA C 97 16.07 6.76 -1.09
N ARG C 98 16.10 5.97 -2.16
CA ARG C 98 14.88 5.61 -2.88
C ARG C 98 14.07 4.60 -2.05
N GLY C 99 12.77 4.87 -1.91
CA GLY C 99 11.93 3.99 -1.13
C GLY C 99 10.45 4.10 -1.47
N GLU C 100 10.08 3.67 -2.67
CA GLU C 100 8.70 3.80 -3.11
C GLU C 100 7.78 2.90 -2.30
N VAL C 101 7.91 1.59 -2.44
CA VAL C 101 7.05 0.65 -1.74
C VAL C 101 7.57 0.44 -0.33
N ARG C 102 6.70 0.61 0.67
CA ARG C 102 7.11 0.47 2.07
C ARG C 102 7.45 -0.99 2.39
N GLN C 103 6.73 -1.93 1.80
CA GLN C 103 6.96 -3.34 2.04
C GLN C 103 8.31 -3.83 1.54
N ARG C 104 9.10 -2.98 0.86
CA ARG C 104 10.39 -3.38 0.31
C ARG C 104 11.54 -2.52 0.79
N GLY C 105 11.30 -1.60 1.72
CA GLY C 105 12.37 -0.77 2.27
C GLY C 105 13.02 0.15 1.24
N PHE C 106 14.21 0.64 1.62
CA PHE C 106 14.96 1.60 0.81
C PHE C 106 15.86 0.85 -0.17
N ASP C 107 15.41 0.70 -1.41
CA ASP C 107 16.19 0.01 -2.44
C ASP C 107 17.60 0.56 -2.55
N TYR C 108 17.71 1.84 -2.94
CA TYR C 108 19.00 2.44 -3.26
C TYR C 108 19.30 3.58 -2.31
N TRP C 109 20.56 3.66 -1.90
CA TRP C 109 21.05 4.74 -1.04
C TRP C 109 22.13 5.51 -1.78
N GLY C 110 22.19 6.82 -1.52
CA GLY C 110 23.20 7.65 -2.13
C GLY C 110 24.59 7.38 -1.58
N GLN C 111 25.49 8.33 -1.75
CA GLN C 111 26.82 8.25 -1.18
C GLN C 111 27.00 9.15 0.04
N GLY C 112 26.07 10.06 0.29
CA GLY C 112 26.09 10.88 1.48
C GLY C 112 26.85 12.18 1.32
N THR C 113 26.31 13.25 1.91
CA THR C 113 27.00 14.53 2.02
C THR C 113 26.98 14.91 3.49
N THR C 114 28.16 15.19 4.05
CA THR C 114 28.29 15.35 5.49
C THR C 114 28.14 16.81 5.86
N LEU C 115 27.40 17.05 6.94
CA LEU C 115 27.15 18.39 7.43
C LEU C 115 27.46 18.43 8.93
N THR C 116 28.48 19.21 9.28
CA THR C 116 28.78 19.49 10.67
C THR C 116 28.20 20.86 11.01
N VAL C 117 27.28 20.91 11.97
CA VAL C 117 26.76 22.17 12.49
C VAL C 117 27.41 22.37 13.85
N SER C 118 28.23 23.41 13.94
CA SER C 118 29.02 23.66 15.14
C SER C 118 29.53 25.09 15.10
N SER C 119 29.80 25.64 16.29
CA SER C 119 30.33 26.99 16.40
C SER C 119 31.84 27.03 16.61
N ALA C 120 32.52 25.89 16.45
CA ALA C 120 33.96 25.87 16.58
C ALA C 120 34.63 26.62 15.43
N LYS C 121 35.84 27.10 15.70
CA LYS C 121 36.56 27.97 14.76
C LYS C 121 37.50 27.13 13.91
N THR C 122 37.41 27.32 12.58
CA THR C 122 38.33 26.68 11.67
C THR C 122 39.77 27.07 12.00
N THR C 123 40.58 26.08 12.36
CA THR C 123 41.98 26.26 12.72
C THR C 123 42.83 25.33 11.87
N ALA C 124 44.01 25.80 11.48
CA ALA C 124 44.94 24.98 10.73
C ALA C 124 45.67 24.01 11.67
N PRO C 125 46.06 22.84 11.17
CA PRO C 125 46.74 21.88 12.03
C PRO C 125 48.23 22.18 12.17
N SER C 126 48.77 21.86 13.34
CA SER C 126 50.20 21.84 13.57
C SER C 126 50.71 20.42 13.32
N VAL C 127 51.64 20.28 12.39
CA VAL C 127 52.14 18.97 11.97
C VAL C 127 53.50 18.74 12.61
N TYR C 128 53.59 17.71 13.45
CA TYR C 128 54.82 17.40 14.16
C TYR C 128 55.37 16.04 13.74
N PRO C 129 56.68 15.93 13.52
CA PRO C 129 57.26 14.63 13.18
C PRO C 129 57.81 13.89 14.37
N LEU C 130 57.52 12.60 14.47
CA LEU C 130 57.88 11.77 15.62
C LEU C 130 58.98 10.80 15.20
N ALA C 131 60.23 11.12 15.55
CA ALA C 131 61.40 10.30 15.39
C ALA C 131 61.36 9.32 16.56
N PRO C 132 62.28 8.34 16.57
CA PRO C 132 62.49 7.54 17.78
C PRO C 132 63.34 8.22 18.82
N VAL C 133 63.63 7.50 19.89
CA VAL C 133 64.38 8.10 20.98
C VAL C 133 65.77 7.52 21.23
N CYS C 134 66.67 7.69 20.28
CA CYS C 134 68.03 7.15 20.42
C CYS C 134 68.21 5.74 21.00
N GLY C 135 67.46 4.75 20.52
CA GLY C 135 67.71 3.38 20.95
C GLY C 135 68.66 2.68 20.00
N ASP C 136 68.93 1.42 20.31
CA ASP C 136 69.71 0.59 19.38
C ASP C 136 68.96 0.43 18.07
N THR C 137 69.69 0.04 17.03
CA THR C 137 69.02 -0.34 15.78
C THR C 137 68.29 -1.65 16.01
N THR C 138 67.22 -1.61 16.80
CA THR C 138 66.50 -2.81 17.18
C THR C 138 65.76 -3.38 15.97
N GLY C 139 65.87 -4.69 15.79
CA GLY C 139 65.19 -5.38 14.71
C GLY C 139 65.60 -4.92 13.33
N SER C 140 65.09 -5.61 12.31
CA SER C 140 65.27 -5.16 10.94
C SER C 140 64.21 -4.14 10.53
N SER C 141 63.28 -3.80 11.43
CA SER C 141 62.20 -2.87 11.17
C SER C 141 62.15 -1.82 12.27
N VAL C 142 61.87 -0.58 11.89
CA VAL C 142 61.82 0.55 12.82
C VAL C 142 60.61 1.40 12.47
N THR C 143 59.99 1.97 13.50
CA THR C 143 58.69 2.62 13.38
C THR C 143 58.81 4.12 13.56
N LEU C 144 58.13 4.88 12.69
CA LEU C 144 58.12 6.34 12.71
C LEU C 144 56.68 6.84 12.84
N GLY C 145 56.54 8.12 13.14
CA GLY C 145 55.23 8.68 13.41
C GLY C 145 55.08 10.13 12.95
N CYS C 146 53.81 10.55 12.85
CA CYS C 146 53.45 11.88 12.38
C CYS C 146 52.22 12.32 13.15
N LEU C 147 52.34 13.43 13.89
CA LEU C 147 51.27 13.91 14.78
C LEU C 147 50.68 15.20 14.23
N VAL C 148 49.38 15.16 13.92
CA VAL C 148 48.65 16.31 13.39
C VAL C 148 47.74 16.81 14.50
N LYS C 149 48.07 17.97 15.05
CA LYS C 149 47.48 18.44 16.30
C LYS C 149 46.69 19.73 16.10
N GLY C 150 45.51 19.78 16.72
CA GLY C 150 44.76 21.01 16.89
C GLY C 150 44.17 21.64 15.64
N TYR C 151 43.32 20.90 14.92
CA TYR C 151 42.70 21.41 13.71
C TYR C 151 41.19 21.28 13.79
N PHE C 152 40.52 22.09 12.97
CA PHE C 152 39.07 22.05 12.83
C PHE C 152 38.73 22.70 11.50
N PRO C 153 37.75 22.16 10.74
CA PRO C 153 37.04 20.92 11.04
C PRO C 153 37.70 19.73 10.36
N GLU C 154 36.96 18.66 10.18
CA GLU C 154 37.48 17.54 9.41
C GLU C 154 37.07 17.68 7.95
N PRO C 155 37.78 17.03 7.02
CA PRO C 155 38.85 16.05 7.20
C PRO C 155 40.27 16.56 7.10
N VAL C 156 41.18 15.63 7.32
CA VAL C 156 42.60 15.77 6.99
C VAL C 156 42.99 14.55 6.18
N THR C 157 43.91 14.75 5.23
CA THR C 157 44.46 13.65 4.45
C THR C 157 45.93 13.51 4.79
N LEU C 158 46.29 12.41 5.45
CA LEU C 158 47.67 12.06 5.72
C LEU C 158 48.10 10.95 4.78
N THR C 159 49.38 10.97 4.42
CA THR C 159 49.91 10.05 3.42
C THR C 159 51.43 10.07 3.56
N TRP C 160 52.08 8.98 3.15
CA TRP C 160 53.52 8.84 3.27
C TRP C 160 54.16 8.77 1.90
N ASN C 161 55.14 9.64 1.66
CA ASN C 161 55.85 9.72 0.39
C ASN C 161 54.89 9.86 -0.78
N SER C 162 53.88 10.71 -0.60
CA SER C 162 52.94 11.09 -1.67
C SER C 162 52.16 9.90 -2.22
N GLY C 163 51.96 8.87 -1.39
CA GLY C 163 51.19 7.71 -1.76
C GLY C 163 51.99 6.48 -2.09
N SER C 164 53.30 6.50 -1.86
CA SER C 164 54.18 5.39 -2.19
C SER C 164 54.71 4.71 -0.92
N LEU C 165 53.82 4.48 0.04
CA LEU C 165 54.18 3.76 1.25
C LEU C 165 52.95 3.16 1.92
N SER C 166 52.29 2.22 1.23
CA SER C 166 51.09 1.60 1.78
C SER C 166 51.42 0.63 2.90
N SER C 167 52.59 -0.01 2.84
CA SER C 167 52.88 -1.11 3.76
C SER C 167 53.20 -0.59 5.15
N GLY C 168 52.50 -1.12 6.15
CA GLY C 168 52.85 -0.88 7.53
C GLY C 168 52.55 0.50 8.06
N VAL C 169 51.47 1.14 7.60
CA VAL C 169 51.07 2.45 8.08
C VAL C 169 49.70 2.33 8.75
N HIS C 170 49.62 2.84 9.97
CA HIS C 170 48.36 2.95 10.71
C HIS C 170 48.04 4.43 10.92
N THR C 171 46.88 4.85 10.46
CA THR C 171 46.42 6.23 10.62
C THR C 171 45.22 6.22 11.57
N PHE C 172 45.39 6.83 12.73
CA PHE C 172 44.38 6.76 13.78
C PHE C 172 43.30 7.82 13.56
N PRO C 173 42.02 7.46 13.68
CA PRO C 173 40.95 8.45 13.47
C PRO C 173 41.12 9.66 14.37
N ALA C 174 40.58 10.79 13.92
CA ALA C 174 40.66 12.02 14.68
C ALA C 174 39.74 11.96 15.89
N VAL C 175 40.18 12.55 16.99
CA VAL C 175 39.39 12.63 18.21
C VAL C 175 39.25 14.09 18.58
N LEU C 176 38.00 14.55 18.69
CA LEU C 176 37.72 15.94 19.01
C LEU C 176 37.84 16.16 20.51
N GLN C 177 38.75 17.06 20.92
CA GLN C 177 39.02 17.33 22.32
C GLN C 177 39.03 18.83 22.55
N SER C 178 38.06 19.32 23.30
CA SER C 178 37.93 20.75 23.64
C SER C 178 37.93 21.61 22.36
N ASP C 179 37.12 21.19 21.39
CA ASP C 179 36.78 21.89 20.15
C ASP C 179 37.85 21.81 19.07
N LEU C 180 38.97 21.13 19.29
CA LEU C 180 39.98 20.92 18.26
C LEU C 180 40.19 19.43 18.03
N TYR C 181 40.57 19.07 16.82
CA TYR C 181 40.84 17.69 16.43
C TYR C 181 42.33 17.40 16.49
N THR C 182 42.69 16.20 16.92
CA THR C 182 44.07 15.73 16.86
C THR C 182 44.09 14.34 16.24
N LEU C 183 45.12 14.08 15.45
CA LEU C 183 45.25 12.85 14.69
C LEU C 183 46.72 12.44 14.66
N SER C 184 46.98 11.14 14.51
CA SER C 184 48.33 10.63 14.44
C SER C 184 48.39 9.50 13.44
N SER C 185 49.59 9.24 12.92
CA SER C 185 49.84 8.16 12.00
C SER C 185 51.22 7.58 12.25
N SER C 186 51.32 6.26 12.23
CA SER C 186 52.58 5.56 12.36
C SER C 186 52.86 4.81 11.06
N VAL C 187 54.14 4.72 10.69
CA VAL C 187 54.57 3.90 9.57
C VAL C 187 55.75 3.06 10.01
N THR C 188 55.71 1.77 9.68
CA THR C 188 56.77 0.83 10.03
C THR C 188 57.53 0.47 8.76
N VAL C 189 58.80 0.84 8.71
CA VAL C 189 59.66 0.56 7.57
C VAL C 189 60.82 -0.29 8.06
N THR C 190 61.25 -1.24 7.23
CA THR C 190 62.42 -2.03 7.56
C THR C 190 63.63 -1.11 7.70
N SER C 191 64.33 -1.23 8.84
CA SER C 191 65.41 -0.30 9.17
C SER C 191 66.50 -0.23 8.11
N SER C 192 66.49 -1.14 7.14
CA SER C 192 67.34 -1.00 5.96
C SER C 192 66.86 0.10 5.00
N THR C 193 65.72 0.73 5.29
CA THR C 193 65.19 1.82 4.49
C THR C 193 65.22 3.16 5.21
N TRP C 194 65.67 3.20 6.48
CA TRP C 194 65.69 4.43 7.24
C TRP C 194 66.85 4.40 8.21
N PRO C 195 67.61 5.51 8.34
CA PRO C 195 67.39 6.79 7.66
C PRO C 195 68.10 6.93 6.31
N SER C 196 67.70 6.11 5.33
CA SER C 196 68.25 6.22 3.99
C SER C 196 67.34 7.07 3.11
N GLN C 197 66.22 6.51 2.70
CA GLN C 197 65.22 7.24 1.93
C GLN C 197 64.48 8.20 2.87
N SER C 198 63.96 9.28 2.28
CA SER C 198 63.31 10.36 3.03
C SER C 198 61.90 9.92 3.43
N ILE C 199 61.73 9.47 4.66
CA ILE C 199 60.39 9.20 5.18
C ILE C 199 59.71 10.55 5.45
N THR C 200 58.61 10.80 4.76
CA THR C 200 57.98 12.12 4.76
C THR C 200 56.47 11.95 4.81
N CYS C 201 55.83 12.46 5.87
CA CYS C 201 54.38 12.49 5.95
C CYS C 201 53.90 13.83 5.39
N ASN C 202 53.00 13.76 4.42
CA ASN C 202 52.43 14.95 3.80
C ASN C 202 50.97 15.09 4.24
N VAL C 203 50.68 16.19 4.93
CA VAL C 203 49.37 16.47 5.47
C VAL C 203 48.71 17.53 4.61
N ALA C 204 47.38 17.54 4.59
CA ALA C 204 46.62 18.49 3.79
C ALA C 204 45.28 18.75 4.46
N HIS C 205 45.05 19.99 4.87
CA HIS C 205 43.78 20.40 5.47
C HIS C 205 43.09 21.35 4.51
N PRO C 206 42.08 20.91 3.77
CA PRO C 206 41.47 21.79 2.76
C PRO C 206 40.79 23.03 3.35
N ALA C 207 40.06 22.88 4.45
CA ALA C 207 39.27 23.99 4.98
C ALA C 207 40.12 25.19 5.36
N SER C 208 41.42 25.00 5.59
CA SER C 208 42.35 26.10 5.86
C SER C 208 43.36 26.29 4.75
N SER C 209 43.20 25.58 3.63
CA SER C 209 44.13 25.64 2.50
C SER C 209 45.55 25.31 2.93
N THR C 210 45.67 24.36 3.86
CA THR C 210 46.96 23.91 4.38
C THR C 210 47.43 22.68 3.60
N LYS C 211 48.75 22.61 3.38
CA LYS C 211 49.35 21.44 2.72
C LYS C 211 50.84 21.46 3.06
N VAL C 212 51.21 20.76 4.12
CA VAL C 212 52.58 20.71 4.62
C VAL C 212 53.12 19.30 4.45
N ASP C 213 54.37 19.20 4.00
CA ASP C 213 55.13 17.96 4.03
C ASP C 213 56.19 18.05 5.11
N LYS C 214 56.46 16.93 5.77
CA LYS C 214 57.38 16.90 6.90
C LYS C 214 58.23 15.64 6.84
N LYS C 215 59.52 15.83 6.61
CA LYS C 215 60.50 14.74 6.56
C LYS C 215 60.98 14.41 7.96
N ILE C 216 60.85 13.15 8.35
CA ILE C 216 61.27 12.71 9.68
C ILE C 216 62.80 12.60 9.67
N GLU C 217 63.44 13.51 10.38
CA GLU C 217 64.88 13.48 10.46
C GLU C 217 65.21 12.73 11.73
N PRO C 218 66.33 12.04 11.73
CA PRO C 218 66.79 11.36 12.93
C PRO C 218 67.17 12.34 14.00
N ARG C 219 66.89 12.00 15.25
CA ARG C 219 67.19 12.89 16.35
C ARG C 219 68.68 12.92 16.62
#